data_7XR4
#
_entry.id   7XR4
#
_cell.length_a   1.00
_cell.length_b   1.00
_cell.length_c   1.00
_cell.angle_alpha   90.00
_cell.angle_beta   90.00
_cell.angle_gamma   90.00
#
_symmetry.space_group_name_H-M   'P 1'
#
loop_
_entity.id
_entity.type
_entity.pdbx_description
1 polymer 'Excitatory amino acid transporter 2'
2 non-polymer 'GLUTAMIC ACID'
3 non-polymer 'CHOLESTEROL HEMISUCCINATE'
4 non-polymer 1,2-DIACYL-SN-GLYCERO-3-PHOSPHOCHOLINE
#
_entity_poly.entity_id   1
_entity_poly.type   'polypeptide(L)'
_entity_poly.pdbx_seq_one_letter_code
;MASTEGANNMPKQVEVRMHDSHLGSEEPKHRHLGLRLCDKLGKNLLLTLTVFGVILGAVCGGLLRLASPIHPDVVMLIAF
PGDILMRMLKMLILPLIISSLITGLSGLDAKASGRLGTRAMVYYMSTTIIAAVLGVILVLAIHPGNPKLKKQLGPGKKND
EVSSLDAFLDLIRNLFPENLVQACFQQIQTVTKKVLVAPPPDEEANATSAVVSLLNETVTEVPEETKMVIKKGLEFKDGM
NVLGLIGFFIAFGIAMGKMGDQAKLMVDFFNILNEIVMKLVIMIMWYSPLGIACLICGKIIAIKDLEVVARQLGMYMVTV
IIGLIIHGGIFLPLIYFVVTRKNPFSFFAGIFQAWITALGTASSAGTLPVTFRCLEENLGIDKRVTRFVLPVGATINMDG
TALYEAVAAIFIAQMNGVVLDGGQIVTVSLTATLASVGAASIPSAGLVTMLLILTAVGLPTEDISLLVAVDWLLDRMRTS
VNVVGDSFGAGIVYHLSKSELDTIDSQHRVHEDIEMTKTQSIYDDMKNHRESNSNQCVYAAHNSVIVDECKVTLAANGKS
ADCSVEEEPWKREK
;
_entity_poly.pdbx_strand_id   A,B,C
#
# COMPACT_ATOMS: atom_id res chain seq x y z
N LEU A 37 -4.15 -49.78 2.20
CA LEU A 37 -3.20 -48.72 2.51
C LEU A 37 -3.24 -47.63 1.46
N CYS A 38 -3.52 -48.02 0.22
CA CYS A 38 -3.62 -47.05 -0.87
C CYS A 38 -4.74 -46.05 -0.60
N ASP A 39 -5.89 -46.54 -0.12
CA ASP A 39 -6.94 -45.64 0.31
C ASP A 39 -6.57 -44.95 1.62
N LYS A 40 -5.84 -45.64 2.48
CA LYS A 40 -5.39 -45.03 3.73
C LYS A 40 -4.49 -43.84 3.47
N LEU A 41 -3.45 -44.02 2.65
CA LEU A 41 -2.53 -42.93 2.38
C LEU A 41 -3.14 -41.91 1.43
N GLY A 42 -3.88 -42.36 0.42
CA GLY A 42 -4.46 -41.46 -0.55
C GLY A 42 -5.67 -40.69 -0.08
N LYS A 43 -6.23 -41.04 1.08
CA LYS A 43 -7.38 -40.31 1.60
C LYS A 43 -6.99 -38.89 1.98
N ASN A 44 -6.08 -38.76 2.95
CA ASN A 44 -5.53 -37.46 3.33
C ASN A 44 -4.12 -37.36 2.75
N LEU A 45 -4.07 -36.98 1.47
CA LEU A 45 -2.78 -36.91 0.79
C LEU A 45 -1.87 -35.87 1.42
N LEU A 46 -2.43 -34.71 1.78
CA LEU A 46 -1.61 -33.68 2.41
C LEU A 46 -1.07 -34.15 3.74
N LEU A 47 -1.90 -34.82 4.55
CA LEU A 47 -1.43 -35.33 5.83
C LEU A 47 -0.36 -36.40 5.65
N THR A 48 -0.54 -37.28 4.66
CA THR A 48 0.46 -38.29 4.37
C THR A 48 1.78 -37.65 3.97
N LEU A 49 1.71 -36.64 3.10
CA LEU A 49 2.93 -35.96 2.66
C LEU A 49 3.60 -35.23 3.81
N THR A 50 2.82 -34.60 4.69
CA THR A 50 3.42 -33.88 5.81
C THR A 50 4.07 -34.82 6.80
N VAL A 51 3.41 -35.93 7.14
CA VAL A 51 4.00 -36.89 8.07
C VAL A 51 5.25 -37.52 7.46
N PHE A 52 5.17 -37.89 6.17
CA PHE A 52 6.33 -38.44 5.50
C PHE A 52 7.48 -37.46 5.46
N GLY A 53 7.18 -36.19 5.20
CA GLY A 53 8.23 -35.17 5.19
C GLY A 53 8.85 -34.96 6.55
N VAL A 54 8.04 -34.96 7.61
CA VAL A 54 8.59 -34.80 8.95
C VAL A 54 9.51 -35.96 9.30
N ILE A 55 9.07 -37.18 9.02
CA ILE A 55 9.90 -38.35 9.32
C ILE A 55 11.17 -38.33 8.48
N LEU A 56 11.05 -37.98 7.20
CA LEU A 56 12.21 -37.95 6.32
C LEU A 56 13.21 -36.89 6.77
N GLY A 57 12.72 -35.71 7.14
CA GLY A 57 13.62 -34.69 7.64
C GLY A 57 14.30 -35.09 8.92
N ALA A 58 13.55 -35.69 9.84
CA ALA A 58 14.14 -36.11 11.11
C ALA A 58 15.22 -37.17 10.88
N VAL A 59 14.93 -38.16 10.05
CA VAL A 59 15.90 -39.23 9.82
C VAL A 59 17.11 -38.72 9.06
N CYS A 60 16.91 -37.81 8.10
CA CYS A 60 18.04 -37.25 7.37
C CYS A 60 18.90 -36.37 8.26
N GLY A 61 18.27 -35.58 9.13
CA GLY A 61 19.05 -34.81 10.10
C GLY A 61 19.83 -35.70 11.04
N GLY A 62 19.21 -36.78 11.52
CA GLY A 62 19.92 -37.72 12.35
C GLY A 62 21.11 -38.34 11.65
N LEU A 63 20.92 -38.73 10.39
CA LEU A 63 22.04 -39.31 9.63
C LEU A 63 23.15 -38.29 9.41
N LEU A 64 22.79 -37.05 9.06
CA LEU A 64 23.80 -36.03 8.86
C LEU A 64 24.50 -35.64 10.15
N ARG A 65 23.87 -35.90 11.31
CA ARG A 65 24.55 -35.64 12.57
C ARG A 65 25.85 -36.43 12.70
N LEU A 66 25.99 -37.53 11.94
CA LEU A 66 27.21 -38.33 12.02
C LEU A 66 28.43 -37.57 11.55
N ALA A 67 28.25 -36.62 10.63
CA ALA A 67 29.36 -35.74 10.20
C ALA A 67 29.37 -34.53 11.12
N SER A 68 30.04 -34.68 12.26
CA SER A 68 29.96 -33.68 13.32
C SER A 68 30.40 -32.29 12.87
N PRO A 69 31.53 -32.09 12.19
CA PRO A 69 31.83 -30.75 11.67
C PRO A 69 31.09 -30.54 10.37
N ILE A 70 30.22 -29.54 10.33
CA ILE A 70 29.36 -29.29 9.18
C ILE A 70 29.52 -27.84 8.76
N HIS A 71 29.52 -27.61 7.45
CA HIS A 71 29.75 -26.27 6.95
C HIS A 71 28.47 -25.43 7.12
N PRO A 72 28.60 -24.19 7.61
CA PRO A 72 27.42 -23.31 7.67
C PRO A 72 26.76 -23.07 6.33
N ASP A 73 27.53 -22.99 5.25
CA ASP A 73 26.90 -22.84 3.93
C ASP A 73 26.08 -24.06 3.56
N VAL A 74 26.58 -25.26 3.89
CA VAL A 74 25.85 -26.47 3.55
C VAL A 74 24.55 -26.57 4.35
N VAL A 75 24.59 -26.25 5.64
CA VAL A 75 23.36 -26.29 6.41
C VAL A 75 22.39 -25.21 5.95
N MET A 76 22.91 -24.05 5.53
CA MET A 76 22.05 -23.04 4.94
C MET A 76 21.36 -23.57 3.70
N LEU A 77 22.11 -24.26 2.83
CA LEU A 77 21.50 -24.83 1.64
C LEU A 77 20.46 -25.88 2.00
N ILE A 78 20.73 -26.69 3.02
CA ILE A 78 19.79 -27.73 3.43
C ILE A 78 18.49 -27.10 3.92
N ALA A 79 18.59 -26.06 4.72
CA ALA A 79 17.41 -25.42 5.28
C ALA A 79 16.78 -24.39 4.35
N PHE A 80 17.37 -24.14 3.19
CA PHE A 80 16.85 -23.10 2.31
C PHE A 80 15.40 -23.32 1.86
N PRO A 81 14.98 -24.51 1.44
CA PRO A 81 13.56 -24.68 1.12
C PRO A 81 12.65 -24.37 2.30
N GLY A 82 13.13 -24.61 3.51
CA GLY A 82 12.40 -24.16 4.68
C GLY A 82 12.29 -22.65 4.72
N ASP A 83 13.36 -21.94 4.36
CA ASP A 83 13.29 -20.48 4.29
C ASP A 83 12.29 -20.04 3.24
N ILE A 84 12.24 -20.73 2.10
CA ILE A 84 11.28 -20.36 1.06
C ILE A 84 9.85 -20.55 1.56
N LEU A 85 9.59 -21.66 2.25
CA LEU A 85 8.25 -21.86 2.80
C LEU A 85 7.92 -20.79 3.83
N MET A 86 8.88 -20.46 4.70
CA MET A 86 8.63 -19.45 5.72
C MET A 86 8.37 -18.09 5.09
N ARG A 87 9.09 -17.78 4.01
CA ARG A 87 8.92 -16.49 3.35
C ARG A 87 7.60 -16.40 2.62
N MET A 88 7.17 -17.48 1.96
CA MET A 88 5.86 -17.41 1.33
C MET A 88 4.74 -17.38 2.35
N LEU A 89 4.94 -17.97 3.52
CA LEU A 89 3.90 -17.86 4.55
C LEU A 89 3.87 -16.47 5.17
N LYS A 90 5.03 -15.91 5.51
CA LYS A 90 5.08 -14.56 6.06
C LYS A 90 4.67 -13.51 5.04
N MET A 91 4.80 -13.82 3.75
CA MET A 91 4.42 -12.89 2.71
C MET A 91 2.93 -12.61 2.72
N LEU A 92 2.13 -13.56 3.20
CA LEU A 92 0.69 -13.48 3.12
C LEU A 92 0.02 -13.08 4.43
N ILE A 93 0.79 -12.77 5.48
CA ILE A 93 0.12 -12.42 6.73
C ILE A 93 -0.50 -11.04 6.67
N LEU A 94 -0.01 -10.15 5.82
CA LEU A 94 -0.58 -8.81 5.74
C LEU A 94 -1.91 -8.83 4.99
N PRO A 95 -1.99 -9.40 3.78
CA PRO A 95 -3.32 -9.52 3.16
C PRO A 95 -4.29 -10.38 3.96
N LEU A 96 -3.81 -11.43 4.64
CA LEU A 96 -4.72 -12.17 5.51
C LEU A 96 -5.22 -11.32 6.66
N ILE A 97 -4.34 -10.58 7.32
CA ILE A 97 -4.80 -9.72 8.40
C ILE A 97 -5.88 -8.77 7.90
N ILE A 98 -5.59 -8.06 6.81
CA ILE A 98 -6.51 -7.05 6.30
C ILE A 98 -7.83 -7.68 5.90
N SER A 99 -7.78 -8.61 4.94
CA SER A 99 -9.00 -9.18 4.39
C SER A 99 -9.79 -9.96 5.43
N SER A 100 -9.12 -10.76 6.26
CA SER A 100 -9.81 -11.54 7.26
C SER A 100 -10.51 -10.64 8.26
N LEU A 101 -9.81 -9.64 8.79
CA LEU A 101 -10.45 -8.77 9.78
C LEU A 101 -11.64 -8.04 9.18
N ILE A 102 -11.47 -7.50 7.98
CA ILE A 102 -12.54 -6.75 7.34
C ILE A 102 -13.75 -7.66 7.06
N THR A 103 -13.50 -8.82 6.47
CA THR A 103 -14.57 -9.74 6.12
C THR A 103 -15.31 -10.22 7.36
N GLY A 104 -14.56 -10.59 8.40
CA GLY A 104 -15.20 -11.07 9.61
C GLY A 104 -16.03 -10.01 10.29
N LEU A 105 -15.47 -8.81 10.43
CA LEU A 105 -16.20 -7.77 11.14
C LEU A 105 -17.36 -7.22 10.32
N SER A 106 -17.38 -7.46 9.01
CA SER A 106 -18.56 -7.08 8.25
C SER A 106 -19.64 -8.15 8.23
N GLY A 107 -19.26 -9.42 8.04
CA GLY A 107 -20.25 -10.47 8.00
C GLY A 107 -20.56 -11.04 9.36
N LEU A 108 -21.06 -10.19 10.26
CA LEU A 108 -21.44 -10.62 11.60
C LEU A 108 -22.93 -10.81 11.78
N ASP A 109 -23.76 -10.07 11.03
CA ASP A 109 -25.21 -10.14 11.15
C ASP A 109 -25.65 -9.90 12.59
N ALA A 110 -25.12 -8.83 13.19
CA ALA A 110 -25.37 -8.56 14.60
C ALA A 110 -26.84 -8.30 14.85
N LYS A 111 -27.50 -7.52 13.98
CA LYS A 111 -28.90 -7.19 14.20
C LYS A 111 -29.78 -8.43 14.09
N ALA A 112 -29.49 -9.32 13.13
CA ALA A 112 -30.27 -10.54 12.99
C ALA A 112 -30.07 -11.46 14.18
N SER A 113 -28.85 -11.50 14.73
CA SER A 113 -28.56 -12.39 15.85
C SER A 113 -29.34 -12.00 17.09
N GLY A 114 -29.30 -10.72 17.44
CA GLY A 114 -29.99 -10.23 18.63
C GLY A 114 -29.05 -10.09 19.81
N ARG A 115 -29.66 -10.12 21.00
CA ARG A 115 -28.86 -10.13 22.23
C ARG A 115 -28.21 -11.48 22.47
N LEU A 116 -28.80 -12.55 21.94
CA LEU A 116 -28.19 -13.86 22.04
C LEU A 116 -26.83 -13.88 21.37
N GLY A 117 -26.73 -13.27 20.19
CA GLY A 117 -25.45 -13.19 19.52
C GLY A 117 -24.44 -12.37 20.30
N THR A 118 -24.88 -11.26 20.90
CA THR A 118 -23.97 -10.45 21.70
C THR A 118 -23.45 -11.22 22.90
N ARG A 119 -24.33 -11.96 23.59
CA ARG A 119 -23.89 -12.77 24.72
C ARG A 119 -22.89 -13.82 24.28
N ALA A 120 -23.18 -14.48 23.15
CA ALA A 120 -22.24 -15.48 22.65
C ALA A 120 -20.89 -14.87 22.32
N MET A 121 -20.89 -13.70 21.69
CA MET A 121 -19.62 -13.06 21.31
C MET A 121 -18.83 -12.64 22.54
N VAL A 122 -19.52 -12.09 23.55
CA VAL A 122 -18.83 -11.70 24.78
C VAL A 122 -18.22 -12.91 25.45
N TYR A 123 -18.97 -14.01 25.53
CA TYR A 123 -18.42 -15.21 26.13
C TYR A 123 -17.20 -15.71 25.36
N TYR A 124 -17.29 -15.69 24.03
CA TYR A 124 -16.18 -16.16 23.21
C TYR A 124 -14.92 -15.37 23.50
N MET A 125 -15.01 -14.04 23.43
CA MET A 125 -13.82 -13.22 23.66
C MET A 125 -13.31 -13.36 25.07
N SER A 126 -14.21 -13.40 26.06
CA SER A 126 -13.77 -13.52 27.44
C SER A 126 -12.99 -14.81 27.67
N THR A 127 -13.54 -15.95 27.23
CA THR A 127 -12.85 -17.21 27.46
C THR A 127 -11.57 -17.32 26.65
N THR A 128 -11.54 -16.78 25.43
CA THR A 128 -10.31 -16.81 24.66
C THR A 128 -9.21 -16.00 25.34
N ILE A 129 -9.55 -14.81 25.86
CA ILE A 129 -8.55 -14.00 26.55
C ILE A 129 -8.09 -14.68 27.83
N ILE A 130 -9.03 -15.29 28.58
CA ILE A 130 -8.62 -16.01 29.78
C ILE A 130 -7.67 -17.15 29.45
N ALA A 131 -7.96 -17.89 28.38
CA ALA A 131 -7.08 -18.98 28.00
C ALA A 131 -5.69 -18.47 27.60
N ALA A 132 -5.64 -17.38 26.83
CA ALA A 132 -4.35 -16.84 26.42
C ALA A 132 -3.53 -16.37 27.62
N VAL A 133 -4.18 -15.66 28.54
CA VAL A 133 -3.48 -15.16 29.72
C VAL A 133 -3.01 -16.32 30.59
N LEU A 134 -3.83 -17.36 30.72
CA LEU A 134 -3.42 -18.53 31.48
C LEU A 134 -2.22 -19.20 30.86
N GLY A 135 -2.20 -19.29 29.53
CA GLY A 135 -1.04 -19.87 28.86
C GLY A 135 0.21 -19.05 29.08
N VAL A 136 0.10 -17.72 29.00
CA VAL A 136 1.25 -16.87 29.25
C VAL A 136 1.76 -17.05 30.67
N ILE A 137 0.85 -17.11 31.64
CA ILE A 137 1.24 -17.32 33.03
C ILE A 137 2.00 -18.64 33.17
N LEU A 138 1.48 -19.69 32.54
CA LEU A 138 2.07 -21.00 32.73
C LEU A 138 3.44 -21.11 32.08
N VAL A 139 3.65 -20.48 30.92
CA VAL A 139 4.99 -20.52 30.35
C VAL A 139 5.95 -19.68 31.15
N LEU A 140 5.54 -18.47 31.55
CA LEU A 140 6.45 -17.65 32.33
C LEU A 140 6.75 -18.28 33.68
N ALA A 141 5.91 -19.20 34.14
CA ALA A 141 6.22 -19.92 35.37
C ALA A 141 7.14 -21.10 35.12
N ILE A 142 6.70 -22.06 34.30
CA ILE A 142 7.46 -23.29 34.09
C ILE A 142 8.74 -23.02 33.31
N HIS A 143 8.73 -22.00 32.45
CA HIS A 143 9.81 -21.60 31.55
C HIS A 143 10.50 -22.79 30.88
N PRO A 144 9.82 -23.49 29.97
CA PRO A 144 10.51 -24.50 29.16
C PRO A 144 11.30 -23.79 28.06
N GLY A 145 12.62 -23.94 28.09
CA GLY A 145 13.46 -23.30 27.09
C GLY A 145 14.57 -22.50 27.72
N ASN A 146 14.28 -21.85 28.84
CA ASN A 146 15.32 -21.15 29.59
C ASN A 146 16.44 -22.06 30.06
N PRO A 147 16.23 -23.34 30.38
CA PRO A 147 17.38 -24.21 30.66
C PRO A 147 18.42 -24.23 29.54
N LYS A 148 17.96 -24.17 28.29
CA LYS A 148 18.84 -24.06 27.13
C LYS A 148 19.90 -25.15 27.08
N VAL A 162 15.35 -1.66 29.76
CA VAL A 162 14.32 -0.70 29.40
C VAL A 162 13.25 -0.65 30.49
N SER A 163 12.74 0.55 30.76
CA SER A 163 11.72 0.72 31.79
C SER A 163 10.44 -0.01 31.38
N SER A 164 9.77 -0.60 32.36
CA SER A 164 8.49 -1.26 32.07
C SER A 164 7.46 -0.24 31.62
N LEU A 165 7.48 0.96 32.22
CA LEU A 165 6.58 2.02 31.81
C LEU A 165 6.82 2.40 30.35
N ASP A 166 8.08 2.52 29.96
CA ASP A 166 8.39 2.82 28.56
C ASP A 166 7.95 1.70 27.65
N ALA A 167 8.06 0.44 28.11
CA ALA A 167 7.61 -0.68 27.30
C ALA A 167 6.10 -0.62 27.06
N PHE A 168 5.33 -0.34 28.11
CA PHE A 168 3.88 -0.27 27.94
C PHE A 168 3.48 0.95 27.12
N LEU A 169 4.17 2.07 27.29
CA LEU A 169 3.89 3.23 26.47
C LEU A 169 4.20 2.95 25.00
N ASP A 170 5.29 2.22 24.73
CA ASP A 170 5.59 1.83 23.37
C ASP A 170 4.52 0.90 22.82
N LEU A 171 3.99 0.02 23.65
CA LEU A 171 2.90 -0.84 23.22
C LEU A 171 1.69 -0.01 22.79
N ILE A 172 1.32 0.97 23.61
CA ILE A 172 0.18 1.80 23.26
C ILE A 172 0.46 2.65 22.02
N ARG A 173 1.70 3.11 21.87
CA ARG A 173 2.06 3.87 20.68
C ARG A 173 1.97 3.02 19.43
N ASN A 174 2.46 1.78 19.49
CA ASN A 174 2.38 0.89 18.34
C ASN A 174 0.94 0.50 18.05
N LEU A 175 0.09 0.50 19.07
CA LEU A 175 -1.33 0.23 18.84
C LEU A 175 -1.98 1.32 17.98
N PHE A 176 -1.41 2.52 17.95
CA PHE A 176 -1.92 3.64 17.15
C PHE A 176 -0.79 4.16 16.29
N PRO A 177 -0.53 3.54 15.15
CA PRO A 177 0.61 3.95 14.33
C PRO A 177 0.36 5.28 13.64
N GLU A 178 1.43 6.06 13.51
CA GLU A 178 1.32 7.34 12.82
C GLU A 178 1.10 7.17 11.32
N ASN A 179 1.49 6.04 10.75
CA ASN A 179 1.40 5.83 9.32
C ASN A 179 1.12 4.37 9.05
N LEU A 180 0.18 4.10 8.15
CA LEU A 180 -0.16 2.70 7.87
C LEU A 180 0.92 2.01 7.05
N VAL A 181 1.44 2.69 6.03
CA VAL A 181 2.45 2.10 5.19
C VAL A 181 3.72 1.82 6.00
N GLN A 182 4.05 2.71 6.93
CA GLN A 182 5.17 2.42 7.81
C GLN A 182 4.82 1.32 8.80
N ALA A 183 3.57 1.29 9.28
CA ALA A 183 3.17 0.24 10.20
C ALA A 183 3.21 -1.13 9.56
N CYS A 184 3.17 -1.20 8.23
CA CYS A 184 3.25 -2.49 7.56
C CYS A 184 4.61 -3.16 7.74
N PHE A 185 5.66 -2.40 8.05
CA PHE A 185 6.97 -3.02 8.23
C PHE A 185 7.81 -2.41 9.34
N GLN A 186 7.30 -1.47 10.13
CA GLN A 186 8.14 -0.82 11.12
C GLN A 186 7.35 -0.53 12.39
N GLN A 187 7.98 -0.77 13.54
CA GLN A 187 7.40 -0.45 14.84
C GLN A 187 8.24 0.61 15.52
N ILE A 188 7.61 1.42 16.33
CA ILE A 188 8.29 2.45 17.08
C ILE A 188 8.66 1.89 18.44
N GLN A 189 9.74 2.40 19.02
CA GLN A 189 10.21 1.92 20.30
C GLN A 189 10.97 3.03 20.99
N THR A 190 11.10 2.91 22.32
CA THR A 190 11.81 3.89 23.11
C THR A 190 13.27 3.49 23.22
N VAL A 191 14.16 4.48 23.08
CA VAL A 191 15.60 4.28 23.20
C VAL A 191 16.15 5.34 24.13
N THR A 192 16.97 4.91 25.09
CA THR A 192 17.61 5.80 26.04
C THR A 192 19.12 5.64 25.90
N LYS A 193 19.78 6.70 25.44
CA LYS A 193 21.22 6.71 25.28
C LYS A 193 21.80 7.91 26.01
N LYS A 194 22.99 7.73 26.59
CA LYS A 194 23.56 8.73 27.48
C LYS A 194 23.88 10.02 26.73
N VAL A 195 23.83 11.14 27.45
CA VAL A 195 24.14 12.43 26.88
C VAL A 195 25.61 12.78 27.15
N VAL A 229 17.66 13.69 33.11
CA VAL A 229 19.12 13.62 33.03
C VAL A 229 19.52 12.80 31.81
N ILE A 230 18.76 11.75 31.53
CA ILE A 230 19.06 10.80 30.47
C ILE A 230 18.11 11.04 29.30
N LYS A 231 18.65 11.05 28.09
CA LYS A 231 17.87 11.29 26.88
C LYS A 231 17.04 10.06 26.53
N LYS A 232 15.77 10.29 26.20
CA LYS A 232 14.90 9.25 25.69
C LYS A 232 14.17 9.76 24.45
N GLY A 233 14.22 8.99 23.37
CA GLY A 233 13.52 9.31 22.15
C GLY A 233 12.89 8.08 21.54
N LEU A 234 12.23 8.29 20.40
CA LEU A 234 11.52 7.23 19.70
C LEU A 234 12.25 6.94 18.40
N GLU A 235 12.65 5.69 18.21
CA GLU A 235 13.32 5.24 17.01
C GLU A 235 12.52 4.12 16.37
N PHE A 236 12.50 4.08 15.05
CA PHE A 236 11.74 3.09 14.30
C PHE A 236 12.58 1.83 14.16
N LYS A 237 12.17 0.77 14.84
CA LYS A 237 12.82 -0.53 14.69
C LYS A 237 12.06 -1.36 13.67
N ASP A 238 12.78 -2.20 12.96
CA ASP A 238 12.19 -2.93 11.85
C ASP A 238 11.29 -4.04 12.37
N GLY A 239 10.42 -4.52 11.48
CA GLY A 239 9.46 -5.55 11.84
C GLY A 239 8.03 -5.07 11.70
N MET A 240 7.13 -5.98 11.34
CA MET A 240 5.74 -5.62 11.12
C MET A 240 5.13 -5.09 12.42
N ASN A 241 4.26 -4.09 12.29
CA ASN A 241 3.49 -3.60 13.42
C ASN A 241 2.11 -4.27 13.40
N VAL A 242 2.11 -5.55 13.77
CA VAL A 242 0.90 -6.35 13.67
C VAL A 242 -0.20 -5.77 14.54
N LEU A 243 0.14 -5.35 15.75
CA LEU A 243 -0.88 -4.84 16.66
C LEU A 243 -1.55 -3.59 16.10
N GLY A 244 -0.76 -2.67 15.55
CA GLY A 244 -1.34 -1.45 15.01
C GLY A 244 -2.23 -1.69 13.81
N LEU A 245 -1.78 -2.56 12.90
CA LEU A 245 -2.59 -2.91 11.74
C LEU A 245 -3.89 -3.58 12.18
N ILE A 246 -3.81 -4.50 13.13
CA ILE A 246 -5.01 -5.16 13.62
C ILE A 246 -5.96 -4.14 14.23
N GLY A 247 -5.44 -3.20 15.02
CA GLY A 247 -6.31 -2.19 15.59
C GLY A 247 -7.00 -1.34 14.53
N PHE A 248 -6.21 -0.82 13.58
CA PHE A 248 -6.81 0.04 12.57
C PHE A 248 -7.83 -0.70 11.73
N PHE A 249 -7.54 -1.95 11.35
CA PHE A 249 -8.46 -2.66 10.49
C PHE A 249 -9.64 -3.26 11.23
N ILE A 250 -9.53 -3.47 12.54
CA ILE A 250 -10.71 -3.75 13.34
C ILE A 250 -11.64 -2.55 13.34
N ALA A 251 -11.07 -1.36 13.55
CA ALA A 251 -11.90 -0.16 13.49
C ALA A 251 -12.49 0.02 12.10
N PHE A 252 -11.71 -0.24 11.06
CA PHE A 252 -12.18 -0.11 9.69
C PHE A 252 -13.33 -1.07 9.40
N GLY A 253 -13.17 -2.34 9.79
CA GLY A 253 -14.23 -3.30 9.56
C GLY A 253 -15.49 -2.97 10.35
N ILE A 254 -15.32 -2.46 11.57
CA ILE A 254 -16.48 -2.09 12.37
C ILE A 254 -17.23 -0.95 11.71
N ALA A 255 -16.51 0.08 11.26
CA ALA A 255 -17.17 1.21 10.61
C ALA A 255 -17.84 0.77 9.31
N MET A 256 -17.17 -0.07 8.53
CA MET A 256 -17.75 -0.48 7.26
C MET A 256 -18.97 -1.37 7.46
N GLY A 257 -18.97 -2.19 8.52
CA GLY A 257 -20.19 -2.89 8.88
C GLY A 257 -21.29 -1.94 9.29
N LYS A 258 -20.95 -0.90 10.06
CA LYS A 258 -21.93 0.10 10.44
C LYS A 258 -22.50 0.85 9.24
N MET A 259 -21.77 0.87 8.11
CA MET A 259 -22.30 1.49 6.92
C MET A 259 -23.60 0.82 6.46
N GLY A 260 -23.65 -0.50 6.51
CA GLY A 260 -24.89 -1.23 6.28
C GLY A 260 -24.99 -1.76 4.86
N ASP A 261 -26.10 -1.45 4.20
CA ASP A 261 -26.30 -1.92 2.82
C ASP A 261 -25.39 -1.18 1.85
N GLN A 262 -25.03 0.07 2.16
CA GLN A 262 -23.90 0.68 1.51
C GLN A 262 -22.64 -0.12 1.86
N ALA A 263 -21.55 0.19 1.17
CA ALA A 263 -20.29 -0.53 1.34
C ALA A 263 -20.42 -2.00 0.96
N LYS A 264 -21.50 -2.40 0.30
CA LYS A 264 -21.60 -3.77 -0.19
C LYS A 264 -20.52 -4.04 -1.22
N LEU A 265 -20.22 -3.05 -2.06
CA LEU A 265 -19.18 -3.21 -3.06
C LEU A 265 -17.83 -3.47 -2.42
N MET A 266 -17.52 -2.74 -1.35
CA MET A 266 -16.23 -2.91 -0.72
C MET A 266 -16.15 -4.21 0.08
N VAL A 267 -17.27 -4.63 0.68
CA VAL A 267 -17.32 -5.93 1.33
C VAL A 267 -17.10 -7.04 0.31
N ASP A 268 -17.71 -6.92 -0.87
CA ASP A 268 -17.49 -7.90 -1.92
C ASP A 268 -16.05 -7.90 -2.40
N PHE A 269 -15.46 -6.71 -2.54
CA PHE A 269 -14.06 -6.62 -2.93
C PHE A 269 -13.17 -7.36 -1.94
N PHE A 270 -13.39 -7.12 -0.66
CA PHE A 270 -12.53 -7.76 0.34
C PHE A 270 -12.83 -9.23 0.51
N ASN A 271 -14.07 -9.65 0.25
CA ASN A 271 -14.37 -11.08 0.22
C ASN A 271 -13.59 -11.77 -0.89
N ILE A 272 -13.57 -11.16 -2.08
CA ILE A 272 -12.81 -11.73 -3.18
C ILE A 272 -11.33 -11.77 -2.84
N LEU A 273 -10.82 -10.70 -2.24
CA LEU A 273 -9.41 -10.66 -1.87
C LEU A 273 -9.08 -11.76 -0.86
N ASN A 274 -9.93 -11.95 0.14
CA ASN A 274 -9.70 -12.98 1.14
C ASN A 274 -9.73 -14.36 0.52
N GLU A 275 -10.67 -14.62 -0.39
CA GLU A 275 -10.73 -15.92 -1.03
C GLU A 275 -9.49 -16.18 -1.87
N ILE A 276 -9.01 -15.15 -2.58
CA ILE A 276 -7.80 -15.31 -3.37
C ILE A 276 -6.62 -15.64 -2.48
N VAL A 277 -6.48 -14.92 -1.37
CA VAL A 277 -5.34 -15.15 -0.49
C VAL A 277 -5.43 -16.54 0.16
N MET A 278 -6.64 -17.00 0.48
CA MET A 278 -6.77 -18.36 0.99
C MET A 278 -6.38 -19.39 -0.06
N LYS A 279 -6.72 -19.16 -1.32
CA LYS A 279 -6.26 -20.06 -2.37
C LYS A 279 -4.74 -20.10 -2.43
N LEU A 280 -4.11 -18.93 -2.29
CA LEU A 280 -2.65 -18.89 -2.26
C LEU A 280 -2.10 -19.64 -1.06
N VAL A 281 -2.77 -19.53 0.09
CA VAL A 281 -2.31 -20.21 1.30
C VAL A 281 -2.40 -21.71 1.11
N ILE A 282 -3.46 -22.20 0.47
CA ILE A 282 -3.54 -23.63 0.18
C ILE A 282 -2.44 -24.05 -0.79
N MET A 283 -2.20 -23.23 -1.82
CA MET A 283 -1.10 -23.51 -2.74
C MET A 283 0.21 -23.66 -2.00
N ILE A 284 0.47 -22.78 -1.03
CA ILE A 284 1.67 -22.88 -0.23
C ILE A 284 1.66 -24.14 0.61
N MET A 285 0.50 -24.47 1.20
CA MET A 285 0.39 -25.62 2.07
C MET A 285 0.69 -26.91 1.33
N TRP A 286 0.46 -26.95 0.02
CA TRP A 286 0.83 -28.15 -0.73
C TRP A 286 2.35 -28.28 -0.86
N TYR A 287 3.06 -27.16 -0.87
CA TYR A 287 4.51 -27.18 -0.80
C TYR A 287 5.02 -27.42 0.61
N SER A 288 4.15 -27.34 1.61
CA SER A 288 4.61 -27.40 3.00
C SER A 288 5.41 -28.65 3.35
N PRO A 289 5.11 -29.86 2.86
CA PRO A 289 5.91 -31.03 3.27
C PRO A 289 7.41 -30.86 3.03
N LEU A 290 7.81 -30.41 1.84
CA LEU A 290 9.23 -30.26 1.55
C LEU A 290 9.86 -29.20 2.44
N GLY A 291 9.18 -28.07 2.62
CA GLY A 291 9.72 -27.01 3.45
C GLY A 291 9.88 -27.43 4.89
N ILE A 292 8.88 -28.12 5.43
CA ILE A 292 8.96 -28.59 6.81
C ILE A 292 10.05 -29.64 6.95
N ALA A 293 10.19 -30.51 5.96
CA ALA A 293 11.24 -31.53 6.02
C ALA A 293 12.61 -30.87 6.06
N CYS A 294 12.84 -29.89 5.19
CA CYS A 294 14.12 -29.20 5.19
C CYS A 294 14.33 -28.42 6.49
N LEU A 295 13.28 -27.80 7.03
CA LEU A 295 13.42 -27.06 8.27
C LEU A 295 13.79 -27.99 9.42
N ILE A 296 13.14 -29.14 9.52
CA ILE A 296 13.45 -30.07 10.59
C ILE A 296 14.86 -30.63 10.41
N CYS A 297 15.27 -30.90 9.17
CA CYS A 297 16.63 -31.36 8.94
C CYS A 297 17.64 -30.32 9.40
N GLY A 298 17.40 -29.05 9.07
CA GLY A 298 18.32 -28.01 9.48
C GLY A 298 18.37 -27.84 10.99
N LYS A 299 17.21 -27.91 11.65
CA LYS A 299 17.18 -27.77 13.09
C LYS A 299 17.84 -28.95 13.79
N ILE A 300 17.70 -30.16 13.24
CA ILE A 300 18.35 -31.32 13.83
C ILE A 300 19.86 -31.22 13.66
N ILE A 301 20.32 -30.81 12.49
CA ILE A 301 21.76 -30.79 12.25
C ILE A 301 22.40 -29.60 12.96
N ALA A 302 21.64 -28.55 13.26
CA ALA A 302 22.25 -27.35 13.83
C ALA A 302 22.42 -27.46 15.35
N ILE A 303 21.40 -27.97 16.05
CA ILE A 303 21.40 -27.92 17.51
C ILE A 303 22.54 -28.76 18.07
N LYS A 304 23.02 -28.35 19.26
CA LYS A 304 24.20 -28.96 19.84
C LYS A 304 23.88 -30.28 20.53
N ASP A 305 23.03 -30.24 21.55
CA ASP A 305 22.70 -31.43 22.33
C ASP A 305 21.25 -31.81 22.07
N LEU A 306 21.03 -33.03 21.58
CA LEU A 306 19.68 -33.51 21.33
C LEU A 306 18.91 -33.73 22.63
N GLU A 307 19.59 -34.12 23.70
CA GLU A 307 18.89 -34.36 24.96
C GLU A 307 18.29 -33.07 25.49
N VAL A 308 19.00 -31.95 25.36
CA VAL A 308 18.48 -30.67 25.85
C VAL A 308 17.21 -30.31 25.11
N VAL A 309 17.21 -30.43 23.78
CA VAL A 309 16.03 -30.07 23.01
C VAL A 309 14.89 -31.04 23.28
N ALA A 310 15.20 -32.32 23.47
CA ALA A 310 14.15 -33.28 23.81
C ALA A 310 13.50 -32.93 25.15
N ARG A 311 14.31 -32.56 26.14
CA ARG A 311 13.76 -32.15 27.42
C ARG A 311 12.91 -30.90 27.27
N GLN A 312 13.38 -29.93 26.47
CA GLN A 312 12.63 -28.69 26.28
C GLN A 312 11.29 -28.97 25.61
N LEU A 313 11.28 -29.83 24.59
CA LEU A 313 10.03 -30.17 23.91
C LEU A 313 9.08 -30.90 24.85
N GLY A 314 9.60 -31.84 25.65
CA GLY A 314 8.75 -32.52 26.60
C GLY A 314 8.14 -31.58 27.61
N MET A 315 8.93 -30.65 28.14
CA MET A 315 8.40 -29.71 29.11
C MET A 315 7.43 -28.74 28.47
N TYR A 316 7.64 -28.37 27.20
CA TYR A 316 6.67 -27.53 26.50
C TYR A 316 5.34 -28.25 26.33
N MET A 317 5.39 -29.52 25.96
CA MET A 317 4.16 -30.30 25.85
C MET A 317 3.47 -30.42 27.20
N VAL A 318 4.26 -30.61 28.27
CA VAL A 318 3.68 -30.65 29.60
C VAL A 318 3.01 -29.33 29.94
N THR A 319 3.64 -28.22 29.56
CA THR A 319 3.03 -26.91 29.82
C THR A 319 1.70 -26.76 29.08
N VAL A 320 1.65 -27.17 27.81
CA VAL A 320 0.40 -27.08 27.06
C VAL A 320 -0.66 -27.96 27.69
N ILE A 321 -0.30 -29.19 28.08
CA ILE A 321 -1.27 -30.10 28.65
C ILE A 321 -1.79 -29.58 29.99
N ILE A 322 -0.91 -29.03 30.83
CA ILE A 322 -1.36 -28.47 32.10
C ILE A 322 -2.25 -27.27 31.86
N GLY A 323 -1.92 -26.44 30.88
CA GLY A 323 -2.77 -25.31 30.56
C GLY A 323 -4.15 -25.74 30.13
N LEU A 324 -4.22 -26.73 29.25
CA LEU A 324 -5.51 -27.22 28.79
C LEU A 324 -6.30 -27.85 29.92
N ILE A 325 -5.64 -28.64 30.76
CA ILE A 325 -6.35 -29.26 31.88
C ILE A 325 -6.90 -28.20 32.81
N ILE A 326 -6.05 -27.26 33.23
CA ILE A 326 -6.51 -26.22 34.14
C ILE A 326 -7.66 -25.44 33.53
N HIS A 327 -7.48 -24.96 32.30
CA HIS A 327 -8.51 -24.15 31.66
C HIS A 327 -9.81 -24.94 31.55
N GLY A 328 -9.81 -25.98 30.73
CA GLY A 328 -11.02 -26.70 30.42
C GLY A 328 -11.54 -27.62 31.50
N GLY A 329 -10.91 -27.69 32.66
CA GLY A 329 -11.47 -28.48 33.72
C GLY A 329 -11.67 -27.70 35.01
N ILE A 330 -11.23 -26.45 35.03
CA ILE A 330 -11.44 -25.61 36.20
C ILE A 330 -12.09 -24.30 35.80
N PHE A 331 -11.46 -23.56 34.88
CA PHE A 331 -11.92 -22.22 34.59
C PHE A 331 -13.30 -22.24 33.92
N LEU A 332 -13.46 -23.04 32.88
CA LEU A 332 -14.77 -23.15 32.25
C LEU A 332 -15.82 -23.72 33.19
N PRO A 333 -15.59 -24.82 33.90
CA PRO A 333 -16.61 -25.26 34.87
C PRO A 333 -16.90 -24.22 35.93
N LEU A 334 -15.87 -23.51 36.41
CA LEU A 334 -16.11 -22.47 37.40
C LEU A 334 -16.95 -21.35 36.82
N ILE A 335 -16.68 -20.95 35.58
CA ILE A 335 -17.48 -19.91 34.94
C ILE A 335 -18.93 -20.35 34.83
N TYR A 336 -19.14 -21.58 34.37
CA TYR A 336 -20.49 -22.08 34.18
C TYR A 336 -21.23 -22.24 35.51
N PHE A 337 -20.51 -22.54 36.58
CA PHE A 337 -21.17 -22.61 37.89
C PHE A 337 -21.49 -21.22 38.42
N VAL A 338 -20.59 -20.25 38.20
CA VAL A 338 -20.83 -18.91 38.68
C VAL A 338 -22.03 -18.29 37.99
N VAL A 339 -22.12 -18.42 36.67
CA VAL A 339 -23.17 -17.72 35.95
C VAL A 339 -24.50 -18.48 35.89
N THR A 340 -24.51 -19.78 36.17
CA THR A 340 -25.72 -20.57 36.07
C THR A 340 -26.16 -21.22 37.38
N ARG A 341 -25.29 -21.26 38.39
CA ARG A 341 -25.62 -21.91 39.67
C ARG A 341 -26.02 -23.37 39.47
N LYS A 342 -25.40 -24.05 38.51
CA LYS A 342 -25.71 -25.43 38.21
C LYS A 342 -24.41 -26.24 38.18
N ASN A 343 -24.53 -27.53 38.42
CA ASN A 343 -23.36 -28.39 38.47
C ASN A 343 -22.74 -28.50 37.09
N PRO A 344 -21.49 -28.08 36.90
CA PRO A 344 -20.84 -28.26 35.59
C PRO A 344 -20.46 -29.70 35.31
N PHE A 345 -20.35 -30.54 36.34
CA PHE A 345 -20.04 -31.94 36.10
C PHE A 345 -21.24 -32.72 35.59
N SER A 346 -22.45 -32.27 35.93
CA SER A 346 -23.63 -32.78 35.23
C SER A 346 -23.67 -32.30 33.79
N PHE A 347 -23.05 -31.16 33.50
CA PHE A 347 -22.92 -30.71 32.12
C PHE A 347 -21.87 -31.49 31.36
N PHE A 348 -20.81 -31.94 32.03
CA PHE A 348 -19.74 -32.66 31.36
C PHE A 348 -20.24 -33.97 30.77
N ALA A 349 -21.05 -34.71 31.52
CA ALA A 349 -21.53 -36.00 31.03
C ALA A 349 -22.34 -35.84 29.75
N GLY A 350 -23.08 -34.73 29.62
CA GLY A 350 -23.84 -34.51 28.42
C GLY A 350 -22.97 -34.32 27.18
N ILE A 351 -21.79 -33.74 27.35
CA ILE A 351 -20.90 -33.45 26.24
C ILE A 351 -19.73 -34.42 26.17
N PHE A 352 -19.80 -35.54 26.88
CA PHE A 352 -18.69 -36.48 26.87
C PHE A 352 -18.47 -37.07 25.49
N GLN A 353 -19.54 -37.40 24.78
CA GLN A 353 -19.40 -37.97 23.45
C GLN A 353 -18.78 -36.96 22.49
N ALA A 354 -19.19 -35.69 22.58
CA ALA A 354 -18.56 -34.66 21.77
C ALA A 354 -17.09 -34.51 22.11
N TRP A 355 -16.77 -34.56 23.40
CA TRP A 355 -15.36 -34.44 23.82
C TRP A 355 -14.53 -35.59 23.25
N ILE A 356 -15.03 -36.82 23.33
CA ILE A 356 -14.30 -37.95 22.79
C ILE A 356 -14.16 -37.83 21.28
N THR A 357 -15.23 -37.43 20.59
CA THR A 357 -15.15 -37.28 19.15
C THR A 357 -14.11 -36.23 18.77
N ALA A 358 -14.05 -35.13 19.51
CA ALA A 358 -13.02 -34.13 19.27
C ALA A 358 -11.63 -34.69 19.51
N LEU A 359 -11.47 -35.45 20.59
CA LEU A 359 -10.18 -36.10 20.85
C LEU A 359 -9.81 -37.10 19.77
N GLY A 360 -10.79 -37.60 19.02
CA GLY A 360 -10.49 -38.51 17.94
C GLY A 360 -10.40 -37.81 16.60
N THR A 361 -11.41 -37.02 16.27
CA THR A 361 -11.47 -36.38 14.97
C THR A 361 -10.39 -35.32 14.80
N ALA A 362 -9.97 -34.70 15.90
CA ALA A 362 -8.98 -33.62 15.88
C ALA A 362 -9.45 -32.45 15.02
N SER A 363 -10.76 -32.26 14.93
CA SER A 363 -11.34 -31.18 14.14
C SER A 363 -12.61 -30.72 14.82
N SER A 364 -12.65 -29.44 15.18
CA SER A 364 -13.81 -28.90 15.87
C SER A 364 -15.04 -28.89 14.95
N ALA A 365 -14.84 -28.61 13.66
CA ALA A 365 -15.95 -28.59 12.74
C ALA A 365 -16.55 -29.98 12.54
N GLY A 366 -15.72 -31.01 12.49
CA GLY A 366 -16.22 -32.35 12.28
C GLY A 366 -17.10 -32.84 13.41
N THR A 367 -16.75 -32.49 14.65
CA THR A 367 -17.50 -32.89 15.82
C THR A 367 -18.81 -32.13 15.96
N LEU A 368 -19.04 -31.15 15.10
CA LEU A 368 -20.18 -30.24 15.28
C LEU A 368 -21.52 -30.96 15.31
N PRO A 369 -21.86 -31.87 14.39
CA PRO A 369 -23.14 -32.59 14.54
C PRO A 369 -23.23 -33.37 15.83
N VAL A 370 -22.11 -33.94 16.27
CA VAL A 370 -22.09 -34.70 17.52
C VAL A 370 -22.42 -33.79 18.70
N THR A 371 -21.85 -32.58 18.73
CA THR A 371 -22.15 -31.72 19.85
C THR A 371 -23.58 -31.17 19.77
N PHE A 372 -24.11 -30.92 18.56
CA PHE A 372 -25.54 -30.63 18.47
C PHE A 372 -26.37 -31.72 19.11
N ARG A 373 -26.17 -32.98 18.69
CA ARG A 373 -27.04 -34.03 19.22
C ARG A 373 -26.85 -34.17 20.72
N CYS A 374 -25.60 -34.09 21.19
CA CYS A 374 -25.33 -34.27 22.61
C CYS A 374 -26.02 -33.19 23.44
N LEU A 375 -25.79 -31.92 23.10
CA LEU A 375 -26.44 -30.85 23.84
C LEU A 375 -27.95 -30.99 23.76
N GLU A 376 -28.49 -31.11 22.55
CA GLU A 376 -29.93 -31.02 22.35
C GLU A 376 -30.68 -32.14 23.07
N GLU A 377 -30.14 -33.35 23.06
CA GLU A 377 -30.87 -34.44 23.70
C GLU A 377 -30.45 -34.70 25.14
N ASN A 378 -29.15 -34.70 25.45
CA ASN A 378 -28.73 -34.98 26.83
C ASN A 378 -29.00 -33.80 27.75
N LEU A 379 -28.68 -32.58 27.30
CA LEU A 379 -28.70 -31.43 28.20
C LEU A 379 -29.91 -30.54 28.01
N GLY A 380 -30.77 -30.83 27.03
CA GLY A 380 -32.02 -30.10 26.90
C GLY A 380 -31.87 -28.64 26.56
N ILE A 381 -30.74 -28.23 26.00
CA ILE A 381 -30.57 -26.86 25.56
C ILE A 381 -31.50 -26.58 24.39
N ASP A 382 -32.08 -25.39 24.35
CA ASP A 382 -33.02 -25.06 23.28
C ASP A 382 -32.33 -25.01 21.93
N LYS A 383 -33.08 -25.35 20.89
CA LYS A 383 -32.49 -25.47 19.56
C LYS A 383 -32.04 -24.13 19.01
N ARG A 384 -32.71 -23.03 19.36
CA ARG A 384 -32.29 -21.73 18.85
C ARG A 384 -30.88 -21.36 19.33
N VAL A 385 -30.66 -21.43 20.65
CA VAL A 385 -29.39 -20.99 21.20
C VAL A 385 -28.25 -21.91 20.77
N THR A 386 -28.48 -23.22 20.73
CA THR A 386 -27.42 -24.11 20.28
C THR A 386 -27.15 -23.93 18.79
N ARG A 387 -28.20 -23.80 17.98
CA ARG A 387 -28.02 -23.65 16.54
C ARG A 387 -27.31 -22.35 16.20
N PHE A 388 -27.40 -21.35 17.08
CA PHE A 388 -26.56 -20.17 16.84
C PHE A 388 -25.15 -20.35 17.38
N VAL A 389 -25.03 -20.76 18.64
CA VAL A 389 -23.74 -20.72 19.32
C VAL A 389 -22.77 -21.70 18.70
N LEU A 390 -23.19 -22.94 18.49
CA LEU A 390 -22.23 -23.98 18.10
C LEU A 390 -21.56 -23.70 16.76
N PRO A 391 -22.28 -23.41 15.67
CA PRO A 391 -21.58 -23.18 14.40
C PRO A 391 -20.62 -22.00 14.43
N VAL A 392 -20.98 -20.91 15.12
CA VAL A 392 -20.08 -19.77 15.20
C VAL A 392 -18.90 -20.08 16.09
N GLY A 393 -19.14 -20.69 17.23
CA GLY A 393 -18.08 -21.03 18.15
C GLY A 393 -17.15 -22.11 17.67
N ALA A 394 -17.56 -22.89 16.67
CA ALA A 394 -16.69 -23.92 16.12
C ALA A 394 -15.46 -23.32 15.45
N THR A 395 -15.52 -22.05 15.05
CA THR A 395 -14.40 -21.38 14.43
C THR A 395 -13.92 -20.18 15.24
N ILE A 396 -14.83 -19.33 15.72
CA ILE A 396 -14.42 -18.15 16.46
C ILE A 396 -13.89 -18.52 17.84
N ASN A 397 -14.56 -19.43 18.53
CA ASN A 397 -14.26 -19.73 19.93
C ASN A 397 -13.32 -20.93 19.96
N MET A 398 -12.03 -20.67 20.20
CA MET A 398 -11.03 -21.72 20.36
C MET A 398 -10.18 -21.38 21.59
N ASP A 399 -10.57 -21.89 22.76
CA ASP A 399 -9.78 -21.68 23.96
C ASP A 399 -8.45 -22.42 23.88
N GLY A 400 -8.50 -23.69 23.50
CA GLY A 400 -7.30 -24.49 23.50
C GLY A 400 -6.25 -23.99 22.54
N THR A 401 -6.69 -23.58 21.35
CA THR A 401 -5.74 -23.05 20.37
C THR A 401 -5.12 -21.75 20.86
N ALA A 402 -5.90 -20.92 21.53
CA ALA A 402 -5.36 -19.67 22.06
C ALA A 402 -4.29 -19.95 23.12
N LEU A 403 -4.60 -20.84 24.07
CA LEU A 403 -3.63 -21.18 25.09
C LEU A 403 -2.38 -21.79 24.46
N TYR A 404 -2.58 -22.70 23.52
CA TYR A 404 -1.47 -23.32 22.81
C TYR A 404 -0.60 -22.29 22.12
N GLU A 405 -1.21 -21.32 21.45
CA GLU A 405 -0.42 -20.37 20.67
C GLU A 405 0.35 -19.44 21.58
N ALA A 406 -0.27 -18.97 22.67
CA ALA A 406 0.49 -18.15 23.62
C ALA A 406 1.65 -18.94 24.22
N VAL A 407 1.36 -20.17 24.66
CA VAL A 407 2.40 -21.02 25.27
C VAL A 407 3.54 -21.24 24.29
N ALA A 408 3.21 -21.57 23.05
CA ALA A 408 4.26 -21.93 22.10
C ALA A 408 5.01 -20.71 21.59
N ALA A 409 4.36 -19.55 21.50
CA ALA A 409 5.10 -18.35 21.14
C ALA A 409 6.12 -17.98 22.22
N ILE A 410 5.70 -18.03 23.48
CA ILE A 410 6.67 -17.75 24.54
C ILE A 410 7.73 -18.85 24.60
N PHE A 411 7.38 -20.09 24.25
CA PHE A 411 8.37 -21.16 24.22
C PHE A 411 9.41 -20.94 23.14
N ILE A 412 8.97 -20.52 21.95
CA ILE A 412 9.90 -20.18 20.88
C ILE A 412 10.80 -19.03 21.31
N ALA A 413 10.23 -18.05 22.00
CA ALA A 413 11.05 -16.96 22.53
C ALA A 413 12.06 -17.47 23.53
N GLN A 414 11.67 -18.45 24.35
CA GLN A 414 12.52 -18.91 25.43
C GLN A 414 13.65 -19.83 24.96
N MET A 415 13.45 -20.59 23.88
CA MET A 415 14.59 -21.38 23.40
C MET A 415 15.68 -20.50 22.82
N ASN A 416 15.33 -19.33 22.30
CA ASN A 416 16.30 -18.44 21.70
C ASN A 416 17.01 -17.56 22.71
N GLY A 417 16.62 -17.63 23.98
CA GLY A 417 17.18 -16.75 24.98
C GLY A 417 16.61 -15.36 25.00
N VAL A 418 15.65 -15.05 24.12
CA VAL A 418 15.06 -13.73 24.06
C VAL A 418 14.12 -13.59 25.25
N VAL A 419 14.44 -12.68 26.16
CA VAL A 419 13.51 -12.33 27.23
C VAL A 419 12.54 -11.28 26.70
N LEU A 420 11.28 -11.40 27.09
CA LEU A 420 10.23 -10.58 26.52
C LEU A 420 9.83 -9.48 27.50
N ASP A 421 9.73 -8.26 27.01
CA ASP A 421 9.26 -7.14 27.81
C ASP A 421 7.77 -7.31 28.11
N GLY A 422 7.25 -6.39 28.92
CA GLY A 422 5.82 -6.41 29.19
C GLY A 422 5.00 -6.17 27.94
N GLY A 423 5.44 -5.23 27.10
CA GLY A 423 4.73 -4.96 25.87
C GLY A 423 4.68 -6.15 24.95
N GLN A 424 5.79 -6.89 24.84
CA GLN A 424 5.80 -8.08 24.02
C GLN A 424 4.91 -9.17 24.58
N ILE A 425 4.84 -9.29 25.91
CA ILE A 425 3.93 -10.27 26.52
C ILE A 425 2.49 -9.93 26.21
N VAL A 426 2.12 -8.65 26.33
CA VAL A 426 0.75 -8.25 26.02
C VAL A 426 0.46 -8.46 24.54
N THR A 427 1.46 -8.21 23.68
CA THR A 427 1.30 -8.47 22.26
C THR A 427 1.06 -9.95 22.00
N VAL A 428 1.79 -10.82 22.71
CA VAL A 428 1.58 -12.25 22.57
C VAL A 428 0.15 -12.61 22.96
N SER A 429 -0.33 -12.06 24.08
CA SER A 429 -1.69 -12.38 24.52
C SER A 429 -2.73 -11.95 23.49
N LEU A 430 -2.63 -10.70 23.02
CA LEU A 430 -3.63 -10.19 22.09
C LEU A 430 -3.58 -10.91 20.76
N THR A 431 -2.38 -11.10 20.20
CA THR A 431 -2.28 -11.79 18.93
C THR A 431 -2.55 -13.28 19.05
N ALA A 432 -2.47 -13.85 20.24
CA ALA A 432 -2.92 -15.21 20.44
C ALA A 432 -4.44 -15.31 20.49
N THR A 433 -5.10 -14.29 21.04
CA THR A 433 -6.55 -14.24 20.92
C THR A 433 -6.98 -14.10 19.47
N LEU A 434 -6.32 -13.21 18.72
CA LEU A 434 -6.66 -13.05 17.31
C LEU A 434 -6.34 -14.29 16.50
N ALA A 435 -5.18 -14.92 16.75
CA ALA A 435 -4.78 -16.07 15.95
C ALA A 435 -5.74 -17.24 16.14
N SER A 436 -6.23 -17.43 17.37
CA SER A 436 -7.20 -18.49 17.61
C SER A 436 -8.48 -18.25 16.84
N VAL A 437 -8.93 -16.99 16.78
CA VAL A 437 -10.14 -16.66 16.03
C VAL A 437 -9.96 -16.99 14.56
N GLY A 438 -8.81 -16.61 14.01
CA GLY A 438 -8.57 -16.84 12.59
C GLY A 438 -8.45 -18.32 12.24
N ALA A 439 -7.76 -19.09 13.08
CA ALA A 439 -7.47 -20.48 12.77
C ALA A 439 -8.75 -21.26 12.52
N ALA A 440 -8.88 -21.78 11.30
CA ALA A 440 -10.05 -22.56 10.95
C ALA A 440 -10.04 -23.89 11.67
N SER A 441 -11.19 -24.54 11.71
CA SER A 441 -11.34 -25.79 12.44
C SER A 441 -10.67 -26.97 11.77
N ILE A 442 -9.91 -26.78 10.69
CA ILE A 442 -9.16 -27.87 10.07
C ILE A 442 -8.03 -28.26 11.01
N PRO A 443 -7.60 -29.53 11.01
CA PRO A 443 -6.52 -29.93 11.92
C PRO A 443 -5.23 -29.20 11.58
N SER A 444 -4.46 -28.89 12.63
CA SER A 444 -3.13 -28.29 12.49
C SER A 444 -3.17 -26.99 11.69
N ALA A 445 -3.98 -26.04 12.14
CA ALA A 445 -3.99 -24.69 11.62
C ALA A 445 -3.41 -23.68 12.60
N GLY A 446 -3.34 -24.04 13.87
CA GLY A 446 -2.72 -23.16 14.84
C GLY A 446 -1.27 -22.87 14.52
N LEU A 447 -0.57 -23.86 13.95
CA LEU A 447 0.82 -23.65 13.55
C LEU A 447 0.93 -22.61 12.46
N VAL A 448 -0.01 -22.61 11.52
CA VAL A 448 -0.01 -21.60 10.46
C VAL A 448 -0.32 -20.23 11.04
N THR A 449 -1.34 -20.14 11.91
CA THR A 449 -1.66 -18.86 12.51
C THR A 449 -0.61 -18.39 13.50
N MET A 450 0.30 -19.27 13.89
CA MET A 450 1.36 -18.92 14.83
C MET A 450 2.25 -17.81 14.28
N LEU A 451 2.42 -17.77 12.96
CA LEU A 451 3.28 -16.76 12.36
C LEU A 451 2.82 -15.36 12.68
N LEU A 452 1.52 -15.18 12.88
CA LEU A 452 1.02 -13.88 13.33
C LEU A 452 1.72 -13.45 14.61
N ILE A 453 1.71 -14.32 15.62
CA ILE A 453 2.34 -13.98 16.89
C ILE A 453 3.85 -13.85 16.72
N LEU A 454 4.47 -14.77 15.98
CA LEU A 454 5.92 -14.78 15.87
C LEU A 454 6.44 -13.52 15.19
N THR A 455 5.73 -13.03 14.15
CA THR A 455 6.15 -11.79 13.52
C THR A 455 5.69 -10.56 14.30
N ALA A 456 4.63 -10.67 15.09
CA ALA A 456 4.23 -9.56 15.95
C ALA A 456 5.30 -9.28 16.99
N VAL A 457 5.88 -10.33 17.57
CA VAL A 457 6.91 -10.16 18.57
C VAL A 457 8.30 -10.05 17.94
N GLY A 458 8.48 -10.58 16.74
CA GLY A 458 9.78 -10.54 16.11
C GLY A 458 10.68 -11.66 16.59
N LEU A 459 10.25 -12.89 16.39
CA LEU A 459 10.99 -14.07 16.80
C LEU A 459 11.39 -14.90 15.59
N PRO A 460 12.41 -15.73 15.72
CA PRO A 460 12.80 -16.60 14.59
C PRO A 460 11.70 -17.57 14.23
N THR A 461 11.10 -17.38 13.05
CA THR A 461 9.98 -18.20 12.63
C THR A 461 10.41 -19.62 12.26
N GLU A 462 11.72 -19.84 12.06
CA GLU A 462 12.20 -21.17 11.70
C GLU A 462 11.96 -22.20 12.80
N ASP A 463 11.78 -21.75 14.04
CA ASP A 463 11.62 -22.67 15.16
C ASP A 463 10.25 -23.32 15.21
N ILE A 464 9.39 -23.07 14.22
CA ILE A 464 8.07 -23.69 14.19
C ILE A 464 8.18 -25.19 14.00
N SER A 465 9.18 -25.65 13.25
CA SER A 465 9.29 -27.07 12.94
C SER A 465 9.41 -27.92 14.19
N LEU A 466 10.03 -27.40 15.24
CA LEU A 466 10.13 -28.15 16.49
C LEU A 466 8.75 -28.48 17.03
N LEU A 467 7.84 -27.51 16.98
CA LEU A 467 6.47 -27.78 17.41
C LEU A 467 5.70 -28.59 16.38
N VAL A 468 6.07 -28.47 15.10
CA VAL A 468 5.47 -29.32 14.07
C VAL A 468 5.72 -30.78 14.41
N ALA A 469 6.86 -31.08 15.01
CA ALA A 469 7.20 -32.46 15.32
C ALA A 469 6.18 -33.11 16.24
N VAL A 470 5.71 -32.40 17.25
CA VAL A 470 4.82 -32.97 18.26
C VAL A 470 3.44 -32.31 18.23
N ASP A 471 3.08 -31.67 17.11
CA ASP A 471 1.80 -30.98 17.03
C ASP A 471 0.61 -31.88 17.33
N TRP A 472 0.51 -33.02 16.64
CA TRP A 472 -0.78 -33.72 16.55
C TRP A 472 -1.32 -34.10 17.93
N LEU A 473 -0.45 -34.55 18.83
CA LEU A 473 -0.90 -34.94 20.15
C LEU A 473 -1.48 -33.75 20.91
N LEU A 474 -0.87 -32.58 20.77
CA LEU A 474 -1.45 -31.39 21.38
C LEU A 474 -2.69 -30.93 20.64
N ASP A 475 -2.76 -31.17 19.34
CA ASP A 475 -3.90 -30.74 18.55
C ASP A 475 -5.18 -31.45 18.99
N ARG A 476 -5.08 -32.74 19.28
CA ARG A 476 -6.25 -33.47 19.75
C ARG A 476 -6.76 -32.88 21.07
N MET A 477 -5.86 -32.60 22.01
CA MET A 477 -6.27 -32.00 23.27
C MET A 477 -6.83 -30.59 23.06
N ARG A 478 -6.23 -29.83 22.15
CA ARG A 478 -6.70 -28.47 21.86
C ARG A 478 -8.13 -28.49 21.37
N THR A 479 -8.43 -29.34 20.39
CA THR A 479 -9.78 -29.37 19.86
C THR A 479 -10.75 -29.93 20.89
N SER A 480 -10.31 -30.85 21.75
CA SER A 480 -11.17 -31.28 22.84
C SER A 480 -11.53 -30.10 23.75
N VAL A 481 -10.53 -29.31 24.12
CA VAL A 481 -10.77 -28.20 25.05
C VAL A 481 -11.69 -27.16 24.42
N ASN A 482 -11.47 -26.83 23.16
CA ASN A 482 -12.32 -25.78 22.59
C ASN A 482 -13.71 -26.28 22.22
N VAL A 483 -13.89 -27.58 21.99
CA VAL A 483 -15.24 -28.12 21.89
C VAL A 483 -15.95 -28.02 23.25
N VAL A 484 -15.23 -28.32 24.33
CA VAL A 484 -15.82 -28.12 25.66
C VAL A 484 -16.17 -26.67 25.88
N GLY A 485 -15.32 -25.75 25.40
CA GLY A 485 -15.63 -24.34 25.51
C GLY A 485 -16.88 -23.96 24.76
N ASP A 486 -17.06 -24.49 23.55
CA ASP A 486 -18.28 -24.25 22.80
C ASP A 486 -19.50 -24.74 23.57
N SER A 487 -19.40 -25.94 24.14
CA SER A 487 -20.54 -26.51 24.87
C SER A 487 -20.90 -25.66 26.07
N PHE A 488 -19.89 -25.25 26.85
CA PHE A 488 -20.17 -24.42 28.02
C PHE A 488 -20.72 -23.06 27.61
N GLY A 489 -20.26 -22.52 26.49
CA GLY A 489 -20.84 -21.28 26.00
C GLY A 489 -22.30 -21.43 25.63
N ALA A 490 -22.65 -22.54 24.98
CA ALA A 490 -24.05 -22.78 24.65
C ALA A 490 -24.88 -22.87 25.92
N GLY A 491 -24.39 -23.60 26.92
CA GLY A 491 -25.14 -23.70 28.17
C GLY A 491 -25.32 -22.35 28.85
N ILE A 492 -24.25 -21.56 28.91
CA ILE A 492 -24.30 -20.28 29.59
C ILE A 492 -25.24 -19.33 28.86
N VAL A 493 -25.14 -19.26 27.52
CA VAL A 493 -25.97 -18.35 26.77
C VAL A 493 -27.43 -18.77 26.85
N TYR A 494 -27.70 -20.08 26.89
CA TYR A 494 -29.07 -20.51 27.10
C TYR A 494 -29.59 -20.07 28.46
N HIS A 495 -28.76 -20.19 29.50
CA HIS A 495 -29.23 -19.79 30.82
C HIS A 495 -29.48 -18.28 30.88
N LEU A 496 -28.60 -17.48 30.30
CA LEU A 496 -28.82 -16.03 30.32
C LEU A 496 -29.95 -15.59 29.40
N SER A 497 -30.48 -16.49 28.57
CA SER A 497 -31.54 -16.17 27.64
C SER A 497 -32.74 -17.08 27.80
N LYS A 498 -32.96 -17.59 29.03
CA LYS A 498 -34.15 -18.39 29.28
C LYS A 498 -35.41 -17.54 29.21
N SER A 499 -35.37 -16.34 29.79
CA SER A 499 -36.55 -15.48 29.81
C SER A 499 -36.93 -15.02 28.41
N GLU A 500 -35.93 -14.64 27.59
CA GLU A 500 -36.23 -14.18 26.24
C GLU A 500 -36.87 -15.27 25.41
N LEU A 501 -36.33 -16.49 25.47
CA LEU A 501 -36.92 -17.60 24.74
C LEU A 501 -38.29 -17.98 25.29
N ASP A 502 -38.49 -17.84 26.60
CA ASP A 502 -39.80 -18.09 27.18
C ASP A 502 -40.82 -17.10 26.62
N THR A 503 -40.45 -15.82 26.54
CA THR A 503 -41.37 -14.83 25.99
C THR A 503 -41.65 -15.10 24.52
N ILE A 504 -40.63 -15.49 23.76
CA ILE A 504 -40.83 -15.79 22.34
C ILE A 504 -41.79 -16.96 22.17
N ASP A 505 -41.60 -18.02 22.96
CA ASP A 505 -42.46 -19.19 22.83
C ASP A 505 -43.88 -18.90 23.31
N SER A 506 -44.02 -18.06 24.34
CA SER A 506 -45.35 -17.74 24.84
C SER A 506 -46.16 -16.97 23.80
N GLN A 507 -45.51 -16.12 23.01
CA GLN A 507 -46.18 -15.43 21.91
C GLN A 507 -45.93 -16.16 20.60
N LEU B 37 -30.17 25.16 30.95
CA LEU B 37 -28.75 24.85 30.77
C LEU B 37 -28.58 23.42 30.28
N CYS B 38 -29.49 22.54 30.70
CA CYS B 38 -29.42 21.15 30.26
C CYS B 38 -29.58 21.05 28.74
N ASP B 39 -30.52 21.82 28.18
CA ASP B 39 -30.61 21.91 26.73
C ASP B 39 -29.45 22.71 26.15
N LYS B 40 -28.97 23.71 26.88
CA LYS B 40 -27.82 24.48 26.42
C LYS B 40 -26.59 23.60 26.27
N LEU B 41 -26.25 22.85 27.32
CA LEU B 41 -25.07 22.00 27.26
C LEU B 41 -25.30 20.77 26.40
N GLY B 42 -26.49 20.17 26.50
CA GLY B 42 -26.79 18.96 25.75
C GLY B 42 -27.07 19.15 24.28
N LYS B 43 -27.23 20.40 23.82
CA LYS B 43 -27.46 20.65 22.41
C LYS B 43 -26.23 20.31 21.58
N ASN B 44 -25.12 21.00 21.84
CA ASN B 44 -23.84 20.68 21.20
C ASN B 44 -22.98 19.96 22.24
N LEU B 45 -23.21 18.66 22.37
CA LEU B 45 -22.49 17.87 23.37
C LEU B 45 -21.00 17.86 23.09
N LEU B 46 -20.61 17.69 21.81
CA LEU B 46 -19.20 17.69 21.48
C LEU B 46 -18.55 19.03 21.81
N LEU B 47 -19.22 20.13 21.49
CA LEU B 47 -18.67 21.45 21.81
C LEU B 47 -18.56 21.64 23.31
N THR B 48 -19.57 21.21 24.07
CA THR B 48 -19.51 21.30 25.52
C THR B 48 -18.33 20.50 26.06
N LEU B 49 -18.16 19.28 25.56
CA LEU B 49 -17.05 18.45 26.04
C LEU B 49 -15.70 19.06 25.67
N THR B 50 -15.59 19.62 24.46
CA THR B 50 -14.31 20.22 24.06
C THR B 50 -13.97 21.45 24.88
N VAL B 51 -14.96 22.33 25.11
CA VAL B 51 -14.70 23.52 25.92
C VAL B 51 -14.37 23.13 27.35
N PHE B 52 -15.13 22.18 27.90
CA PHE B 52 -14.86 21.71 29.26
C PHE B 52 -13.47 21.09 29.35
N GLY B 53 -13.07 20.31 28.34
CA GLY B 53 -11.75 19.72 28.34
C GLY B 53 -10.64 20.76 28.25
N VAL B 54 -10.84 21.78 27.42
CA VAL B 54 -9.82 22.83 27.30
C VAL B 54 -9.67 23.57 28.62
N ILE B 55 -10.79 23.93 29.26
CA ILE B 55 -10.72 24.63 30.53
C ILE B 55 -10.09 23.74 31.60
N LEU B 56 -10.49 22.46 31.63
CA LEU B 56 -9.95 21.54 32.63
C LEU B 56 -8.45 21.35 32.44
N GLY B 57 -8.00 21.19 31.21
CA GLY B 57 -6.58 21.05 30.96
C GLY B 57 -5.81 22.29 31.34
N ALA B 58 -6.35 23.47 31.00
CA ALA B 58 -5.66 24.71 31.35
C ALA B 58 -5.55 24.87 32.85
N VAL B 59 -6.65 24.63 33.58
CA VAL B 59 -6.61 24.81 35.03
C VAL B 59 -5.73 23.76 35.70
N CYS B 60 -5.74 22.52 35.20
CA CYS B 60 -4.88 21.50 35.77
C CYS B 60 -3.41 21.78 35.50
N GLY B 61 -3.09 22.27 34.30
CA GLY B 61 -1.72 22.66 34.02
C GLY B 61 -1.28 23.82 34.90
N GLY B 62 -2.16 24.81 35.09
CA GLY B 62 -1.84 25.89 35.99
C GLY B 62 -1.59 25.42 37.41
N LEU B 63 -2.43 24.51 37.90
CA LEU B 63 -2.23 23.99 39.25
C LEU B 63 -0.93 23.20 39.35
N LEU B 64 -0.63 22.36 38.36
CA LEU B 64 0.61 21.60 38.37
C LEU B 64 1.83 22.49 38.22
N ARG B 65 1.68 23.69 37.67
CA ARG B 65 2.80 24.61 37.60
C ARG B 65 3.35 24.94 38.98
N LEU B 66 2.56 24.76 40.04
CA LEU B 66 3.03 25.07 41.38
C LEU B 66 4.17 24.16 41.81
N ALA B 67 4.23 22.93 41.28
CA ALA B 67 5.35 22.03 41.54
C ALA B 67 6.40 22.28 40.45
N SER B 68 7.24 23.28 40.70
CA SER B 68 8.15 23.77 39.67
C SER B 68 9.07 22.69 39.12
N PRO B 69 9.76 21.87 39.93
CA PRO B 69 10.53 20.77 39.35
C PRO B 69 9.61 19.60 39.07
N ILE B 70 9.51 19.20 37.80
CA ILE B 70 8.58 18.17 37.37
C ILE B 70 9.34 17.12 36.59
N HIS B 71 8.98 15.86 36.79
CA HIS B 71 9.71 14.78 36.14
C HIS B 71 9.32 14.68 34.67
N PRO B 72 10.28 14.53 33.76
CA PRO B 72 9.94 14.33 32.35
C PRO B 72 9.07 13.11 32.10
N ASP B 73 9.25 12.03 32.86
CA ASP B 73 8.39 10.87 32.70
C ASP B 73 6.96 11.19 33.10
N VAL B 74 6.78 11.97 34.16
CA VAL B 74 5.42 12.31 34.60
C VAL B 74 4.73 13.21 33.58
N VAL B 75 5.43 14.20 33.04
CA VAL B 75 4.79 15.04 32.03
C VAL B 75 4.52 14.24 30.76
N MET B 76 5.39 13.29 30.42
CA MET B 76 5.10 12.39 29.31
C MET B 76 3.81 11.61 29.55
N LEU B 77 3.64 11.08 30.76
CA LEU B 77 2.41 10.36 31.07
C LEU B 77 1.20 11.28 31.01
N ILE B 78 1.34 12.52 31.47
CA ILE B 78 0.23 13.46 31.44
C ILE B 78 -0.19 13.75 30.01
N ALA B 79 0.77 13.98 29.13
CA ALA B 79 0.48 14.31 27.75
C ALA B 79 0.24 13.09 26.87
N PHE B 80 0.38 11.88 27.41
CA PHE B 80 0.24 10.68 26.58
C PHE B 80 -1.12 10.55 25.89
N PRO B 81 -2.27 10.78 26.55
CA PRO B 81 -3.52 10.73 25.79
C PRO B 81 -3.56 11.73 24.65
N GLY B 82 -2.88 12.87 24.80
CA GLY B 82 -2.71 13.76 23.68
C GLY B 82 -1.93 13.12 22.55
N ASP B 83 -0.88 12.36 22.88
CA ASP B 83 -0.15 11.64 21.85
C ASP B 83 -1.04 10.62 21.15
N ILE B 84 -1.90 9.94 21.91
CA ILE B 84 -2.80 8.97 21.30
C ILE B 84 -3.74 9.64 20.33
N LEU B 85 -4.31 10.79 20.73
CA LEU B 85 -5.18 11.51 19.82
C LEU B 85 -4.43 11.97 18.59
N MET B 86 -3.22 12.49 18.77
CA MET B 86 -2.44 12.95 17.63
C MET B 86 -2.10 11.80 16.69
N ARG B 87 -1.82 10.63 17.25
CA ARG B 87 -1.47 9.48 16.43
C ARG B 87 -2.68 8.94 15.68
N MET B 88 -3.85 8.90 16.30
CA MET B 88 -5.02 8.46 15.55
C MET B 88 -5.42 9.47 14.50
N LEU B 89 -5.16 10.76 14.72
CA LEU B 89 -5.47 11.72 13.68
C LEU B 89 -4.47 11.63 12.53
N LYS B 90 -3.18 11.55 12.82
CA LYS B 90 -2.17 11.41 11.78
C LYS B 90 -2.28 10.08 11.06
N MET B 91 -2.85 9.07 11.71
CA MET B 91 -3.01 7.76 11.10
C MET B 91 -3.93 7.82 9.90
N LEU B 92 -4.87 8.76 9.89
CA LEU B 92 -5.91 8.82 8.89
C LEU B 92 -5.67 9.86 7.81
N ILE B 93 -4.54 10.56 7.82
CA ILE B 93 -4.35 11.58 6.79
C ILE B 93 -4.05 10.97 5.44
N LEU B 94 -3.52 9.75 5.40
CA LEU B 94 -3.22 9.14 4.10
C LEU B 94 -4.49 8.63 3.42
N PRO B 95 -5.34 7.83 4.09
CA PRO B 95 -6.63 7.49 3.46
C PRO B 95 -7.50 8.69 3.18
N LEU B 96 -7.48 9.72 4.04
CA LEU B 96 -8.22 10.93 3.71
C LEU B 96 -7.67 11.61 2.47
N ILE B 97 -6.35 11.75 2.36
CA ILE B 97 -5.80 12.37 1.17
C ILE B 97 -6.26 11.61 -0.07
N ILE B 98 -6.07 10.29 -0.06
CA ILE B 98 -6.36 9.49 -1.25
C ILE B 98 -7.85 9.57 -1.58
N SER B 99 -8.69 9.15 -0.64
CA SER B 99 -10.13 9.06 -0.92
C SER B 99 -10.74 10.42 -1.20
N SER B 100 -10.38 11.43 -0.42
CA SER B 100 -10.94 12.76 -0.63
C SER B 100 -10.56 13.32 -1.98
N LEU B 101 -9.28 13.24 -2.35
CA LEU B 101 -8.88 13.79 -3.64
C LEU B 101 -9.58 13.06 -4.78
N ILE B 102 -9.62 11.73 -4.71
CA ILE B 102 -10.23 10.95 -5.78
C ILE B 102 -11.72 11.25 -5.88
N THR B 103 -12.42 11.23 -4.75
CA THR B 103 -13.86 11.46 -4.75
C THR B 103 -14.19 12.87 -5.24
N GLY B 104 -13.45 13.87 -4.77
CA GLY B 104 -13.72 15.23 -5.19
C GLY B 104 -13.47 15.44 -6.66
N LEU B 105 -12.33 14.94 -7.16
CA LEU B 105 -12.02 15.17 -8.56
C LEU B 105 -12.87 14.33 -9.50
N SER B 106 -13.54 13.29 -8.98
CA SER B 106 -14.47 12.57 -9.83
C SER B 106 -15.87 13.18 -9.81
N GLY B 107 -16.38 13.54 -8.63
CA GLY B 107 -17.71 14.09 -8.55
C GLY B 107 -17.73 15.59 -8.74
N LEU B 108 -17.28 16.05 -9.91
CA LEU B 108 -17.28 17.47 -10.23
C LEU B 108 -18.42 17.89 -11.15
N ASP B 109 -18.90 16.98 -12.01
CA ASP B 109 -19.95 17.29 -12.97
C ASP B 109 -19.59 18.50 -13.82
N ALA B 110 -18.36 18.46 -14.36
CA ALA B 110 -17.85 19.61 -15.12
C ALA B 110 -18.69 19.89 -16.35
N LYS B 111 -19.07 18.84 -17.08
CA LYS B 111 -19.84 19.04 -18.30
C LYS B 111 -21.22 19.61 -18.00
N ALA B 112 -21.87 19.13 -16.95
CA ALA B 112 -23.18 19.65 -16.58
C ALA B 112 -23.09 21.11 -16.14
N SER B 113 -22.01 21.46 -15.45
CA SER B 113 -21.87 22.83 -14.94
C SER B 113 -21.74 23.83 -16.08
N GLY B 114 -20.86 23.56 -17.03
CA GLY B 114 -20.63 24.45 -18.14
C GLY B 114 -19.42 25.33 -17.94
N ARG B 115 -19.42 26.47 -18.65
CA ARG B 115 -18.37 27.46 -18.44
C ARG B 115 -18.55 28.22 -17.15
N LEU B 116 -19.79 28.31 -16.65
CA LEU B 116 -20.04 28.93 -15.36
C LEU B 116 -19.31 28.19 -14.25
N GLY B 117 -19.35 26.86 -14.29
CA GLY B 117 -18.62 26.08 -13.31
C GLY B 117 -17.11 26.28 -13.40
N THR B 118 -16.59 26.35 -14.63
CA THR B 118 -15.16 26.59 -14.80
C THR B 118 -14.75 27.94 -14.25
N ARG B 119 -15.55 28.98 -14.51
CA ARG B 119 -15.23 30.30 -13.98
C ARG B 119 -15.27 30.29 -12.45
N ALA B 120 -16.28 29.62 -11.87
CA ALA B 120 -16.36 29.53 -10.42
C ALA B 120 -15.13 28.82 -9.86
N MET B 121 -14.72 27.71 -10.48
CA MET B 121 -13.58 26.96 -9.98
C MET B 121 -12.30 27.76 -10.08
N VAL B 122 -12.10 28.47 -11.19
CA VAL B 122 -10.91 29.29 -11.33
C VAL B 122 -10.88 30.38 -10.27
N TYR B 123 -12.01 31.04 -10.03
CA TYR B 123 -12.06 32.06 -9.00
C TYR B 123 -11.74 31.47 -7.64
N TYR B 124 -12.31 30.29 -7.34
CA TYR B 124 -12.07 29.66 -6.04
C TYR B 124 -10.59 29.41 -5.83
N MET B 125 -9.94 28.74 -6.78
CA MET B 125 -8.52 28.44 -6.62
C MET B 125 -7.67 29.70 -6.56
N SER B 126 -7.99 30.69 -7.40
CA SER B 126 -7.20 31.91 -7.41
C SER B 126 -7.26 32.61 -6.05
N THR B 127 -8.47 32.81 -5.52
CA THR B 127 -8.58 33.52 -4.26
C THR B 127 -8.01 32.70 -3.10
N THR B 128 -8.17 31.37 -3.12
CA THR B 128 -7.57 30.57 -2.06
C THR B 128 -6.04 30.68 -2.07
N ILE B 129 -5.44 30.64 -3.25
CA ILE B 129 -3.98 30.75 -3.33
C ILE B 129 -3.52 32.15 -2.91
N ILE B 130 -4.27 33.19 -3.31
CA ILE B 130 -3.92 34.53 -2.88
C ILE B 130 -3.98 34.65 -1.36
N ALA B 131 -5.02 34.08 -0.75
CA ALA B 131 -5.13 34.15 0.70
C ALA B 131 -3.99 33.41 1.38
N ALA B 132 -3.63 32.22 0.87
CA ALA B 132 -2.54 31.47 1.48
C ALA B 132 -1.21 32.22 1.36
N VAL B 133 -0.93 32.78 0.19
CA VAL B 133 0.32 33.51 0.00
C VAL B 133 0.35 34.77 0.87
N LEU B 134 -0.79 35.44 1.01
CA LEU B 134 -0.85 36.62 1.88
C LEU B 134 -0.59 36.22 3.33
N GLY B 135 -1.14 35.09 3.76
CA GLY B 135 -0.87 34.63 5.11
C GLY B 135 0.60 34.32 5.33
N VAL B 136 1.22 33.65 4.37
CA VAL B 136 2.65 33.35 4.48
C VAL B 136 3.46 34.63 4.56
N ILE B 137 3.13 35.61 3.72
CA ILE B 137 3.83 36.88 3.76
C ILE B 137 3.70 37.53 5.13
N LEU B 138 2.49 37.53 5.67
CA LEU B 138 2.26 38.22 6.93
C LEU B 138 2.96 37.54 8.10
N VAL B 139 3.01 36.21 8.12
CA VAL B 139 3.75 35.57 9.21
C VAL B 139 5.25 35.78 9.04
N LEU B 140 5.78 35.63 7.83
CA LEU B 140 7.21 35.83 7.66
C LEU B 140 7.59 37.28 7.93
N ALA B 141 6.64 38.21 7.88
CA ALA B 141 6.93 39.59 8.24
C ALA B 141 6.84 39.80 9.75
N ILE B 142 5.66 39.57 10.33
CA ILE B 142 5.46 39.87 11.75
C ILE B 142 6.25 38.90 12.63
N HIS B 143 6.48 37.68 12.16
CA HIS B 143 7.16 36.59 12.85
C HIS B 143 6.74 36.46 14.32
N PRO B 144 5.49 36.06 14.59
CA PRO B 144 5.13 35.72 15.98
C PRO B 144 5.68 34.34 16.32
N GLY B 145 6.57 34.29 17.29
CA GLY B 145 7.15 33.02 17.68
C GLY B 145 8.67 33.07 17.70
N ASN B 146 9.25 33.81 16.76
CA ASN B 146 10.69 34.03 16.77
C ASN B 146 11.19 34.74 18.03
N PRO B 147 10.43 35.63 18.68
CA PRO B 147 10.91 36.14 19.98
C PRO B 147 11.21 35.05 20.98
N LYS B 148 10.44 33.97 20.98
CA LYS B 148 10.71 32.79 21.81
C LYS B 148 10.84 33.13 23.29
N VAL B 162 21.70 25.25 3.30
CA VAL B 162 21.34 24.61 2.03
C VAL B 162 21.02 25.68 0.99
N SER B 163 21.42 25.42 -0.25
CA SER B 163 21.16 26.37 -1.33
C SER B 163 19.65 26.48 -1.58
N SER B 164 19.20 27.69 -1.88
CA SER B 164 17.80 27.88 -2.22
C SER B 164 17.43 27.13 -3.49
N LEU B 165 18.35 27.12 -4.46
CA LEU B 165 18.12 26.36 -5.68
C LEU B 165 17.95 24.88 -5.39
N ASP B 166 18.80 24.33 -4.51
CA ASP B 166 18.65 22.93 -4.14
C ASP B 166 17.35 22.69 -3.40
N ALA B 167 16.90 23.66 -2.59
CA ALA B 167 15.63 23.51 -1.90
C ALA B 167 14.46 23.43 -2.89
N PHE B 168 14.46 24.32 -3.88
CA PHE B 168 13.37 24.30 -4.85
C PHE B 168 13.44 23.06 -5.74
N LEU B 169 14.64 22.63 -6.10
CA LEU B 169 14.77 21.40 -6.87
C LEU B 169 14.28 20.20 -6.06
N ASP B 170 14.57 20.18 -4.76
CA ASP B 170 14.05 19.12 -3.91
C ASP B 170 12.53 19.17 -3.84
N LEU B 171 11.97 20.38 -3.81
CA LEU B 171 10.51 20.51 -3.84
C LEU B 171 9.94 19.89 -5.10
N ILE B 172 10.53 20.20 -6.25
CA ILE B 172 10.02 19.64 -7.49
C ILE B 172 10.24 18.14 -7.55
N ARG B 173 11.34 17.64 -6.99
CA ARG B 173 11.57 16.20 -6.96
C ARG B 173 10.54 15.51 -6.09
N ASN B 174 10.23 16.07 -4.92
CA ASN B 174 9.24 15.48 -4.05
C ASN B 174 7.85 15.56 -4.65
N LEU B 175 7.61 16.55 -5.52
CA LEU B 175 6.33 16.62 -6.21
C LEU B 175 6.14 15.45 -7.16
N PHE B 176 7.22 14.81 -7.61
CA PHE B 176 7.16 13.65 -8.50
C PHE B 176 7.96 12.53 -7.87
N PRO B 177 7.35 11.78 -6.96
CA PRO B 177 8.11 10.73 -6.25
C PRO B 177 8.41 9.54 -7.15
N GLU B 178 9.58 8.95 -6.93
CA GLU B 178 9.95 7.77 -7.70
C GLU B 178 9.13 6.55 -7.32
N ASN B 179 8.54 6.53 -6.13
CA ASN B 179 7.82 5.36 -5.66
C ASN B 179 6.69 5.83 -4.75
N LEU B 180 5.49 5.27 -4.95
CA LEU B 180 4.35 5.70 -4.14
C LEU B 180 4.45 5.17 -2.72
N VAL B 181 4.82 3.90 -2.57
CA VAL B 181 4.92 3.32 -1.24
C VAL B 181 6.00 4.01 -0.42
N GLN B 182 7.10 4.39 -1.06
CA GLN B 182 8.10 5.18 -0.37
C GLN B 182 7.60 6.59 -0.11
N ALA B 183 6.85 7.17 -1.04
CA ALA B 183 6.32 8.51 -0.85
C ALA B 183 5.33 8.56 0.30
N CYS B 184 4.76 7.42 0.68
CA CYS B 184 3.84 7.42 1.81
C CYS B 184 4.53 7.73 3.13
N PHE B 185 5.84 7.53 3.23
CA PHE B 185 6.52 7.84 4.49
C PHE B 185 7.91 8.43 4.33
N GLN B 186 8.37 8.76 3.13
CA GLN B 186 9.73 9.25 2.96
C GLN B 186 9.79 10.32 1.89
N GLN B 187 10.57 11.37 2.16
CA GLN B 187 10.82 12.43 1.20
C GLN B 187 12.30 12.46 0.85
N ILE B 188 12.58 12.87 -0.36
CA ILE B 188 13.96 12.98 -0.82
C ILE B 188 14.44 14.40 -0.55
N GLN B 189 15.74 14.55 -0.33
CA GLN B 189 16.31 15.85 -0.05
C GLN B 189 17.76 15.88 -0.49
N THR B 190 18.28 17.07 -0.67
CA THR B 190 19.67 17.26 -1.08
C THR B 190 20.56 17.36 0.14
N VAL B 191 21.70 16.69 0.08
CA VAL B 191 22.69 16.72 1.16
C VAL B 191 24.06 17.01 0.54
N THR B 192 24.77 17.96 1.12
CA THR B 192 26.12 18.31 0.68
C THR B 192 27.08 18.08 1.83
N LYS B 193 27.97 17.11 1.67
CA LYS B 193 28.98 16.81 2.68
C LYS B 193 30.36 16.83 2.04
N LYS B 194 31.35 17.31 2.79
CA LYS B 194 32.67 17.57 2.25
C LYS B 194 33.34 16.27 1.78
N VAL B 195 34.21 16.41 0.78
CA VAL B 195 34.95 15.27 0.25
C VAL B 195 36.32 15.19 0.92
N VAL B 229 33.30 20.93 -6.65
CA VAL B 229 34.29 20.71 -5.62
C VAL B 229 33.66 19.98 -4.44
N ILE B 230 32.40 20.30 -4.15
CA ILE B 230 31.68 19.76 -3.02
C ILE B 230 30.68 18.72 -3.49
N LYS B 231 30.62 17.59 -2.81
CA LYS B 231 29.71 16.51 -3.16
C LYS B 231 28.28 16.85 -2.78
N LYS B 232 27.35 16.60 -3.70
CA LYS B 232 25.92 16.72 -3.42
C LYS B 232 25.21 15.48 -3.93
N GLY B 233 24.39 14.88 -3.07
CA GLY B 233 23.59 13.73 -3.43
C GLY B 233 22.20 13.83 -2.84
N LEU B 234 21.40 12.81 -3.12
CA LEU B 234 20.02 12.74 -2.67
C LEU B 234 19.89 11.65 -1.62
N GLU B 235 19.40 12.02 -0.44
CA GLU B 235 19.18 11.08 0.66
C GLU B 235 17.72 11.12 1.06
N PHE B 236 17.18 9.97 1.43
CA PHE B 236 15.78 9.85 1.81
C PHE B 236 15.63 10.21 3.28
N LYS B 237 15.00 11.33 3.56
CA LYS B 237 14.70 11.73 4.93
C LYS B 237 13.28 11.29 5.26
N ASP B 238 13.07 10.97 6.53
CA ASP B 238 11.79 10.39 6.93
C ASP B 238 10.71 11.46 6.95
N GLY B 239 9.46 11.00 6.94
CA GLY B 239 8.32 11.89 6.91
C GLY B 239 7.48 11.71 5.67
N MET B 240 6.17 11.90 5.79
CA MET B 240 5.27 11.71 4.67
C MET B 240 5.62 12.67 3.54
N ASN B 241 5.49 12.20 2.31
CA ASN B 241 5.64 13.07 1.14
C ASN B 241 4.25 13.51 0.69
N VAL B 242 3.67 14.42 1.47
CA VAL B 242 2.30 14.83 1.23
C VAL B 242 2.14 15.46 -0.14
N LEU B 243 3.09 16.30 -0.54
CA LEU B 243 2.98 16.98 -1.82
C LEU B 243 2.98 16.00 -2.98
N GLY B 244 3.86 15.00 -2.94
CA GLY B 244 3.91 14.03 -4.02
C GLY B 244 2.66 13.18 -4.11
N LEU B 245 2.16 12.73 -2.97
CA LEU B 245 0.92 11.96 -2.96
C LEU B 245 -0.25 12.78 -3.48
N ILE B 246 -0.32 14.05 -3.06
CA ILE B 246 -1.39 14.91 -3.54
C ILE B 246 -1.29 15.09 -5.04
N GLY B 247 -0.08 15.29 -5.56
CA GLY B 247 0.07 15.43 -7.00
C GLY B 247 -0.36 14.19 -7.75
N PHE B 248 0.14 13.03 -7.33
CA PHE B 248 -0.20 11.80 -8.04
C PHE B 248 -1.69 11.52 -7.99
N PHE B 249 -2.32 11.73 -6.83
CA PHE B 249 -3.72 11.38 -6.72
C PHE B 249 -4.64 12.45 -7.31
N ILE B 250 -4.17 13.69 -7.44
CA ILE B 250 -4.90 14.65 -8.25
C ILE B 250 -4.90 14.21 -9.70
N ALA B 251 -3.73 13.80 -10.21
CA ALA B 251 -3.70 13.27 -11.57
C ALA B 251 -4.57 12.04 -11.72
N PHE B 252 -4.53 11.15 -10.72
CA PHE B 252 -5.33 9.93 -10.75
C PHE B 252 -6.82 10.25 -10.78
N GLY B 253 -7.27 11.15 -9.91
CA GLY B 253 -8.67 11.52 -9.90
C GLY B 253 -9.10 12.20 -11.19
N ILE B 254 -8.23 13.03 -11.75
CA ILE B 254 -8.57 13.70 -13.01
C ILE B 254 -8.74 12.67 -14.13
N ALA B 255 -7.80 11.73 -14.22
CA ALA B 255 -7.90 10.70 -15.26
C ALA B 255 -9.13 9.83 -15.06
N MET B 256 -9.42 9.47 -13.81
CA MET B 256 -10.56 8.59 -13.57
C MET B 256 -11.87 9.31 -13.84
N GLY B 257 -11.92 10.62 -13.55
CA GLY B 257 -13.07 11.40 -13.99
C GLY B 257 -13.20 11.45 -15.50
N LYS B 258 -12.07 11.60 -16.20
CA LYS B 258 -12.09 11.60 -17.64
C LYS B 258 -12.53 10.26 -18.21
N MET B 259 -12.42 9.18 -17.43
CA MET B 259 -12.93 7.89 -17.89
C MET B 259 -14.43 7.94 -18.17
N GLY B 260 -15.18 8.60 -17.30
CA GLY B 260 -16.59 8.88 -17.57
C GLY B 260 -17.51 7.88 -16.88
N ASP B 261 -18.41 7.27 -17.66
CA ASP B 261 -19.33 6.30 -17.10
C ASP B 261 -18.63 5.00 -16.73
N GLN B 262 -17.56 4.67 -17.44
CA GLN B 262 -16.63 3.67 -16.92
C GLN B 262 -16.02 4.20 -15.63
N ALA B 263 -15.31 3.34 -14.92
CA ALA B 263 -14.74 3.68 -13.62
C ALA B 263 -15.78 4.03 -12.59
N LYS B 264 -17.06 3.76 -12.87
CA LYS B 264 -18.08 3.97 -11.85
C LYS B 264 -17.85 3.05 -10.66
N LEU B 265 -17.39 1.83 -10.91
CA LEU B 265 -17.11 0.90 -9.83
C LEU B 265 -16.01 1.43 -8.92
N MET B 266 -14.97 2.01 -9.51
CA MET B 266 -13.87 2.50 -8.70
C MET B 266 -14.23 3.78 -7.97
N VAL B 267 -15.06 4.63 -8.60
CA VAL B 267 -15.57 5.81 -7.90
C VAL B 267 -16.43 5.39 -6.72
N ASP B 268 -17.26 4.37 -6.89
CA ASP B 268 -18.06 3.86 -5.77
C ASP B 268 -17.18 3.28 -4.68
N PHE B 269 -16.14 2.54 -5.07
CA PHE B 269 -15.22 2.00 -4.08
C PHE B 269 -14.59 3.10 -3.25
N PHE B 270 -14.12 4.16 -3.91
CA PHE B 270 -13.46 5.22 -3.16
C PHE B 270 -14.46 6.09 -2.39
N ASN B 271 -15.69 6.19 -2.87
CA ASN B 271 -16.73 6.85 -2.07
C ASN B 271 -16.97 6.11 -0.77
N ILE B 272 -17.07 4.78 -0.85
CA ILE B 272 -17.26 3.98 0.35
C ILE B 272 -16.06 4.13 1.28
N LEU B 273 -14.85 4.11 0.72
CA LEU B 273 -13.66 4.27 1.53
C LEU B 273 -13.64 5.62 2.24
N ASN B 274 -14.00 6.68 1.52
CA ASN B 274 -14.01 8.01 2.12
C ASN B 274 -15.05 8.10 3.22
N GLU B 275 -16.23 7.52 3.01
CA GLU B 275 -17.25 7.55 4.05
C GLU B 275 -16.81 6.79 5.29
N ILE B 276 -16.16 5.65 5.10
CA ILE B 276 -15.67 4.88 6.23
C ILE B 276 -14.63 5.69 7.01
N VAL B 277 -13.71 6.33 6.31
CA VAL B 277 -12.66 7.07 6.99
C VAL B 277 -13.26 8.29 7.70
N MET B 278 -14.28 8.91 7.12
CA MET B 278 -14.94 10.01 7.83
C MET B 278 -15.64 9.51 9.10
N LYS B 279 -16.24 8.33 9.04
CA LYS B 279 -16.81 7.77 10.27
C LYS B 279 -15.75 7.56 11.32
N LEU B 280 -14.57 7.07 10.91
CA LEU B 280 -13.46 6.92 11.85
C LEU B 280 -13.02 8.26 12.40
N VAL B 281 -13.00 9.30 11.56
CA VAL B 281 -12.59 10.62 12.02
C VAL B 281 -13.56 11.16 13.06
N ILE B 282 -14.86 10.94 12.86
CA ILE B 282 -15.83 11.34 13.86
C ILE B 282 -15.64 10.56 15.15
N MET B 283 -15.40 9.24 15.03
CA MET B 283 -15.11 8.44 16.21
C MET B 283 -13.94 9.02 17.00
N ILE B 284 -12.89 9.44 16.29
CA ILE B 284 -11.75 10.06 16.95
C ILE B 284 -12.15 11.38 17.58
N MET B 285 -12.95 12.16 16.87
CA MET B 285 -13.34 13.48 17.36
C MET B 285 -14.13 13.39 18.66
N TRP B 286 -14.82 12.27 18.87
CA TRP B 286 -15.51 12.11 20.15
C TRP B 286 -14.52 11.89 21.30
N TYR B 287 -13.37 11.29 21.01
CA TYR B 287 -12.29 11.20 21.98
C TYR B 287 -11.51 12.49 22.10
N SER B 288 -11.72 13.44 21.19
CA SER B 288 -10.90 14.64 21.16
C SER B 288 -10.86 15.43 22.46
N PRO B 289 -11.95 15.59 23.22
CA PRO B 289 -11.85 16.39 24.46
C PRO B 289 -10.76 15.93 25.41
N LEU B 290 -10.67 14.64 25.70
CA LEU B 290 -9.66 14.16 26.62
C LEU B 290 -8.26 14.39 26.07
N GLY B 291 -8.05 14.09 24.78
CA GLY B 291 -6.74 14.28 24.19
C GLY B 291 -6.31 15.73 24.20
N ILE B 292 -7.22 16.64 23.85
CA ILE B 292 -6.89 18.06 23.85
C ILE B 292 -6.64 18.54 25.27
N ALA B 293 -7.40 18.05 26.24
CA ALA B 293 -7.19 18.44 27.63
C ALA B 293 -5.79 18.02 28.08
N CYS B 294 -5.40 16.79 27.80
CA CYS B 294 -4.07 16.33 28.17
C CYS B 294 -2.98 17.09 27.43
N LEU B 295 -3.20 17.40 26.15
CA LEU B 295 -2.21 18.15 25.39
C LEU B 295 -2.01 19.55 25.96
N ILE B 296 -3.10 20.23 26.30
CA ILE B 296 -2.98 21.57 26.86
C ILE B 296 -2.33 21.52 28.24
N CYS B 297 -2.66 20.49 29.02
CA CYS B 297 -2.01 20.35 30.33
C CYS B 297 -0.51 20.16 30.16
N GLY B 298 -0.10 19.31 29.22
CA GLY B 298 1.32 19.09 28.99
C GLY B 298 2.03 20.34 28.50
N LYS B 299 1.38 21.08 27.60
CA LYS B 299 2.01 22.30 27.09
C LYS B 299 2.09 23.38 28.16
N ILE B 300 1.11 23.46 29.04
CA ILE B 300 1.16 24.44 30.11
C ILE B 300 2.26 24.08 31.11
N ILE B 301 2.36 22.80 31.46
CA ILE B 301 3.35 22.43 32.46
C ILE B 301 4.77 22.44 31.88
N ALA B 302 4.90 22.30 30.56
CA ALA B 302 6.24 22.19 29.99
C ALA B 302 6.89 23.56 29.76
N ILE B 303 6.13 24.52 29.25
CA ILE B 303 6.71 25.79 28.81
C ILE B 303 7.30 26.54 30.00
N LYS B 304 8.33 27.35 29.72
CA LYS B 304 9.08 28.00 30.77
C LYS B 304 8.38 29.26 31.29
N ASP B 305 8.17 30.23 30.41
CA ASP B 305 7.54 31.50 30.79
C ASP B 305 6.18 31.60 30.15
N LEU B 306 5.14 31.77 30.99
CA LEU B 306 3.79 31.92 30.47
C LEU B 306 3.60 33.24 29.76
N GLU B 307 4.29 34.30 30.19
CA GLU B 307 4.13 35.58 29.54
C GLU B 307 4.61 35.54 28.10
N VAL B 308 5.71 34.83 27.84
CA VAL B 308 6.24 34.74 26.48
C VAL B 308 5.23 34.06 25.57
N VAL B 309 4.65 32.94 26.02
CA VAL B 309 3.69 32.23 25.19
C VAL B 309 2.41 33.03 25.03
N ALA B 310 1.99 33.75 26.07
CA ALA B 310 0.81 34.61 25.93
C ALA B 310 1.04 35.71 24.89
N ARG B 311 2.22 36.32 24.91
CA ARG B 311 2.55 37.33 23.90
C ARG B 311 2.57 36.71 22.51
N GLN B 312 3.15 35.52 22.38
CA GLN B 312 3.21 34.87 21.07
C GLN B 312 1.82 34.55 20.55
N LEU B 313 0.94 34.05 21.42
CA LEU B 313 -0.43 33.75 21.00
C LEU B 313 -1.17 35.02 20.61
N GLY B 314 -1.01 36.09 21.39
CA GLY B 314 -1.65 37.33 21.03
C GLY B 314 -1.19 37.86 19.69
N MET B 315 0.13 37.81 19.44
CA MET B 315 0.63 38.30 18.17
C MET B 315 0.22 37.40 17.02
N TYR B 316 0.09 36.09 17.25
CA TYR B 316 -0.42 35.20 16.22
C TYR B 316 -1.86 35.53 15.87
N MET B 317 -2.69 35.78 16.88
CA MET B 317 -4.06 36.18 16.62
C MET B 317 -4.12 37.50 15.88
N VAL B 318 -3.23 38.44 16.24
CA VAL B 318 -3.18 39.70 15.52
C VAL B 318 -2.79 39.47 14.07
N THR B 319 -1.86 38.55 13.82
CA THR B 319 -1.47 38.25 12.44
C THR B 319 -2.64 37.68 11.66
N VAL B 320 -3.39 36.76 12.25
CA VAL B 320 -4.54 36.19 11.55
C VAL B 320 -5.59 37.27 11.28
N ILE B 321 -5.84 38.12 12.26
CA ILE B 321 -6.85 39.17 12.08
C ILE B 321 -6.43 40.16 11.01
N ILE B 322 -5.15 40.55 10.99
CA ILE B 322 -4.68 41.46 9.96
C ILE B 322 -4.76 40.80 8.60
N GLY B 323 -4.41 39.52 8.51
CA GLY B 323 -4.54 38.82 7.25
C GLY B 323 -5.96 38.80 6.74
N LEU B 324 -6.91 38.48 7.62
CA LEU B 324 -8.30 38.43 7.22
C LEU B 324 -8.79 39.82 6.81
N ILE B 325 -8.43 40.85 7.57
CA ILE B 325 -8.87 42.19 7.22
C ILE B 325 -8.32 42.60 5.87
N ILE B 326 -7.02 42.44 5.67
CA ILE B 326 -6.41 42.82 4.40
C ILE B 326 -7.05 42.05 3.25
N HIS B 327 -7.13 40.72 3.38
CA HIS B 327 -7.68 39.91 2.30
C HIS B 327 -9.11 40.31 2.01
N GLY B 328 -10.01 40.07 2.95
CA GLY B 328 -11.42 40.26 2.71
C GLY B 328 -11.91 41.69 2.71
N GLY B 329 -11.03 42.67 2.86
CA GLY B 329 -11.48 44.04 2.74
C GLY B 329 -10.70 44.83 1.73
N ILE B 330 -9.66 44.23 1.14
CA ILE B 330 -8.89 44.91 0.11
C ILE B 330 -8.80 44.03 -1.13
N PHE B 331 -8.27 42.81 -0.95
CA PHE B 331 -7.97 41.98 -2.11
C PHE B 331 -9.23 41.57 -2.84
N LEU B 332 -10.21 41.03 -2.12
CA LEU B 332 -11.48 40.66 -2.75
C LEU B 332 -12.21 41.87 -3.32
N PRO B 333 -12.38 42.98 -2.59
CA PRO B 333 -13.00 44.16 -3.24
C PRO B 333 -12.23 44.65 -4.44
N LEU B 334 -10.89 44.63 -4.37
CA LEU B 334 -10.09 45.05 -5.51
C LEU B 334 -10.31 44.13 -6.70
N ILE B 335 -10.36 42.81 -6.45
CA ILE B 335 -10.62 41.87 -7.54
C ILE B 335 -11.96 42.14 -8.16
N TYR B 336 -12.99 42.32 -7.33
CA TYR B 336 -14.34 42.53 -7.85
C TYR B 336 -14.46 43.86 -8.59
N PHE B 337 -13.67 44.86 -8.20
CA PHE B 337 -13.70 46.11 -8.94
C PHE B 337 -12.95 45.98 -10.27
N VAL B 338 -11.85 45.25 -10.27
CA VAL B 338 -11.07 45.08 -11.50
C VAL B 338 -11.87 44.32 -12.54
N VAL B 339 -12.52 43.23 -12.14
CA VAL B 339 -13.17 42.40 -13.14
C VAL B 339 -14.60 42.84 -13.49
N THR B 340 -15.22 43.68 -12.66
CA THR B 340 -16.59 44.09 -12.91
C THR B 340 -16.78 45.58 -13.11
N ARG B 341 -15.78 46.40 -12.77
CA ARG B 341 -15.89 47.86 -12.89
C ARG B 341 -17.07 48.41 -12.11
N LYS B 342 -17.37 47.80 -10.96
CA LYS B 342 -18.49 48.21 -10.13
C LYS B 342 -18.01 48.39 -8.70
N ASN B 343 -18.73 49.21 -7.95
CA ASN B 343 -18.32 49.52 -6.58
C ASN B 343 -18.46 48.29 -5.71
N PRO B 344 -17.38 47.78 -5.11
CA PRO B 344 -17.52 46.64 -4.21
C PRO B 344 -18.14 47.01 -2.87
N PHE B 345 -18.14 48.28 -2.50
CA PHE B 345 -18.79 48.69 -1.26
C PHE B 345 -20.30 48.73 -1.39
N SER B 346 -20.81 48.95 -2.61
CA SER B 346 -22.23 48.71 -2.85
C SER B 346 -22.55 47.22 -2.82
N PHE B 347 -21.57 46.37 -3.10
CA PHE B 347 -21.74 44.93 -2.96
C PHE B 347 -21.70 44.50 -1.50
N PHE B 348 -20.91 45.19 -0.67
CA PHE B 348 -20.80 44.80 0.73
C PHE B 348 -22.12 44.92 1.46
N ALA B 349 -22.85 46.03 1.23
CA ALA B 349 -24.11 46.23 1.92
C ALA B 349 -25.10 45.12 1.62
N GLY B 350 -25.07 44.60 0.40
CA GLY B 350 -25.97 43.50 0.06
C GLY B 350 -25.71 42.24 0.85
N ILE B 351 -24.44 41.99 1.19
CA ILE B 351 -24.06 40.77 1.89
C ILE B 351 -23.78 41.02 3.37
N PHE B 352 -24.18 42.17 3.90
CA PHE B 352 -23.90 42.47 5.30
C PHE B 352 -24.59 41.49 6.23
N GLN B 353 -25.84 41.14 5.92
CA GLN B 353 -26.57 40.22 6.77
C GLN B 353 -25.92 38.84 6.76
N ALA B 354 -25.47 38.38 5.59
CA ALA B 354 -24.74 37.12 5.51
C ALA B 354 -23.45 37.19 6.30
N TRP B 355 -22.73 38.31 6.21
CA TRP B 355 -21.49 38.47 6.96
C TRP B 355 -21.73 38.40 8.46
N ILE B 356 -22.76 39.09 8.95
CA ILE B 356 -23.06 39.05 10.37
C ILE B 356 -23.47 37.65 10.79
N THR B 357 -24.30 36.98 9.98
CA THR B 357 -24.71 35.62 10.32
C THR B 357 -23.51 34.70 10.40
N ALA B 358 -22.56 34.84 9.48
CA ALA B 358 -21.34 34.04 9.53
C ALA B 358 -20.54 34.37 10.79
N LEU B 359 -20.42 35.65 11.14
CA LEU B 359 -19.75 36.03 12.38
C LEU B 359 -20.46 35.49 13.61
N GLY B 360 -21.74 35.18 13.51
CA GLY B 360 -22.45 34.60 14.63
C GLY B 360 -22.50 33.09 14.58
N THR B 361 -22.92 32.55 13.44
CA THR B 361 -23.11 31.11 13.31
C THR B 361 -21.80 30.36 13.34
N ALA B 362 -20.71 31.00 12.90
CA ALA B 362 -19.39 30.37 12.83
C ALA B 362 -19.41 29.13 11.94
N SER B 363 -20.29 29.12 10.95
CA SER B 363 -20.42 27.99 10.04
C SER B 363 -20.82 28.52 8.68
N SER B 364 -20.01 28.27 7.67
CA SER B 364 -20.29 28.74 6.33
C SER B 364 -21.54 28.07 5.76
N ALA B 365 -21.73 26.79 6.05
CA ALA B 365 -22.89 26.08 5.53
C ALA B 365 -24.19 26.61 6.15
N GLY B 366 -24.17 26.95 7.43
CA GLY B 366 -25.37 27.43 8.08
C GLY B 366 -25.85 28.76 7.52
N THR B 367 -24.93 29.64 7.18
CA THR B 367 -25.26 30.95 6.63
C THR B 367 -25.74 30.87 5.18
N LEU B 368 -25.69 29.68 4.58
CA LEU B 368 -25.95 29.56 3.15
C LEU B 368 -27.32 30.07 2.72
N PRO B 369 -28.43 29.71 3.39
CA PRO B 369 -29.71 30.31 2.98
C PRO B 369 -29.73 31.82 3.12
N VAL B 370 -29.05 32.34 4.14
CA VAL B 370 -28.98 33.78 4.33
C VAL B 370 -28.26 34.45 3.17
N THR B 371 -27.15 33.86 2.71
CA THR B 371 -26.46 34.49 1.60
C THR B 371 -27.23 34.33 0.29
N PHE B 372 -27.95 33.20 0.10
CA PHE B 372 -28.86 33.15 -1.04
C PHE B 372 -29.84 34.31 -1.02
N ARG B 373 -30.56 34.49 0.09
CA ARG B 373 -31.58 35.54 0.10
C ARG B 373 -30.94 36.90 -0.10
N CYS B 374 -29.81 37.14 0.56
CA CYS B 374 -29.16 38.45 0.48
C CYS B 374 -28.73 38.76 -0.95
N LEU B 375 -27.99 37.85 -1.58
CA LEU B 375 -27.59 38.09 -2.96
C LEU B 375 -28.80 38.26 -3.86
N GLU B 376 -29.73 37.30 -3.80
CA GLU B 376 -30.81 37.25 -4.79
C GLU B 376 -31.71 38.47 -4.71
N GLU B 377 -31.99 38.97 -3.50
CA GLU B 377 -32.90 40.10 -3.42
C GLU B 377 -32.19 41.45 -3.34
N ASN B 378 -31.11 41.58 -2.56
CA ASN B 378 -30.44 42.87 -2.46
C ASN B 378 -29.61 43.17 -3.71
N LEU B 379 -28.86 42.20 -4.22
CA LEU B 379 -27.89 42.46 -5.26
C LEU B 379 -28.36 42.02 -6.65
N GLY B 380 -29.52 41.38 -6.75
CA GLY B 380 -30.07 41.07 -8.05
C GLY B 380 -29.29 40.09 -8.87
N ILE B 381 -28.44 39.28 -8.24
CA ILE B 381 -27.71 38.25 -8.96
C ILE B 381 -28.69 37.19 -9.44
N ASP B 382 -28.46 36.67 -10.65
CA ASP B 382 -29.37 35.69 -11.22
C ASP B 382 -29.37 34.39 -10.41
N LYS B 383 -30.50 33.71 -10.41
CA LYS B 383 -30.66 32.53 -9.56
C LYS B 383 -29.77 31.38 -10.02
N ARG B 384 -29.51 31.26 -11.34
CA ARG B 384 -28.68 30.17 -11.82
C ARG B 384 -27.26 30.26 -11.26
N VAL B 385 -26.63 31.42 -11.42
CA VAL B 385 -25.24 31.58 -11.02
C VAL B 385 -25.08 31.49 -9.51
N THR B 386 -26.00 32.08 -8.75
CA THR B 386 -25.90 31.97 -7.29
C THR B 386 -26.17 30.54 -6.83
N ARG B 387 -27.18 29.89 -7.41
CA ARG B 387 -27.51 28.53 -7.00
C ARG B 387 -26.40 27.56 -7.33
N PHE B 388 -25.55 27.88 -8.31
CA PHE B 388 -24.38 27.04 -8.51
C PHE B 388 -23.24 27.44 -7.58
N VAL B 389 -22.89 28.73 -7.57
CA VAL B 389 -21.67 29.16 -6.91
C VAL B 389 -21.74 28.96 -5.40
N LEU B 390 -22.83 29.40 -4.77
CA LEU B 390 -22.85 29.41 -3.31
C LEU B 390 -22.72 28.03 -2.69
N PRO B 391 -23.50 27.01 -3.09
CA PRO B 391 -23.35 25.70 -2.42
C PRO B 391 -21.97 25.08 -2.59
N VAL B 392 -21.36 25.23 -3.78
CA VAL B 392 -20.03 24.68 -4.00
C VAL B 392 -18.99 25.47 -3.22
N GLY B 393 -19.08 26.80 -3.28
CA GLY B 393 -18.13 27.65 -2.58
C GLY B 393 -18.25 27.60 -1.07
N ALA B 394 -19.37 27.13 -0.55
CA ALA B 394 -19.51 27.01 0.89
C ALA B 394 -18.53 26.01 1.49
N THR B 395 -18.03 25.08 0.68
CA THR B 395 -17.06 24.10 1.14
C THR B 395 -15.73 24.22 0.41
N ILE B 396 -15.74 24.35 -0.91
CA ILE B 396 -14.49 24.42 -1.66
C ILE B 396 -13.77 25.74 -1.42
N ASN B 397 -14.51 26.85 -1.43
CA ASN B 397 -13.92 28.18 -1.39
C ASN B 397 -13.88 28.66 0.05
N MET B 398 -12.70 28.61 0.67
CA MET B 398 -12.51 29.12 2.02
C MET B 398 -11.22 29.94 2.02
N ASP B 399 -11.34 31.25 1.79
CA ASP B 399 -10.18 32.13 1.85
C ASP B 399 -9.65 32.24 3.27
N GLY B 400 -10.54 32.50 4.22
CA GLY B 400 -10.11 32.74 5.58
C GLY B 400 -9.44 31.53 6.20
N THR B 401 -9.97 30.34 5.95
CA THR B 401 -9.37 29.14 6.49
C THR B 401 -7.99 28.89 5.86
N ALA B 402 -7.84 29.20 4.57
CA ALA B 402 -6.53 29.04 3.95
C ALA B 402 -5.51 29.97 4.56
N LEU B 403 -5.87 31.25 4.70
CA LEU B 403 -4.95 32.21 5.32
C LEU B 403 -4.62 31.79 6.74
N TYR B 404 -5.64 31.38 7.50
CA TYR B 404 -5.45 30.93 8.86
C TYR B 404 -4.50 29.75 8.93
N GLU B 405 -4.66 28.78 8.04
CA GLU B 405 -3.85 27.57 8.11
C GLU B 405 -2.41 27.86 7.74
N ALA B 406 -2.18 28.69 6.71
CA ALA B 406 -0.80 29.06 6.39
C ALA B 406 -0.16 29.81 7.55
N VAL B 407 -0.88 30.81 8.09
CA VAL B 407 -0.37 31.60 9.19
C VAL B 407 -0.04 30.72 10.38
N ALA B 408 -0.94 29.82 10.74
CA ALA B 408 -0.74 29.02 11.94
C ALA B 408 0.30 27.93 11.74
N ALA B 409 0.44 27.40 10.53
CA ALA B 409 1.52 26.44 10.29
C ALA B 409 2.89 27.11 10.42
N ILE B 410 3.04 28.30 9.84
CA ILE B 410 4.32 29.00 10.01
C ILE B 410 4.50 29.43 11.47
N PHE B 411 3.41 29.73 12.18
CA PHE B 411 3.53 30.09 13.59
C PHE B 411 3.99 28.90 14.43
N ILE B 412 3.45 27.72 14.16
CA ILE B 412 3.91 26.51 14.85
C ILE B 412 5.38 26.26 14.53
N ALA B 413 5.78 26.49 13.29
CA ALA B 413 7.19 26.35 12.94
C ALA B 413 8.03 27.37 13.71
N GLN B 414 7.51 28.58 13.89
CA GLN B 414 8.30 29.65 14.48
C GLN B 414 8.42 29.52 16.00
N MET B 415 7.44 28.95 16.69
CA MET B 415 7.66 28.76 18.13
C MET B 415 8.72 27.72 18.40
N ASN B 416 8.91 26.77 17.50
CA ASN B 416 9.90 25.72 17.71
C ASN B 416 11.30 26.13 17.30
N GLY B 417 11.47 27.32 16.74
CA GLY B 417 12.76 27.74 16.24
C GLY B 417 13.12 27.18 14.89
N VAL B 418 12.24 26.37 14.29
CA VAL B 418 12.54 25.79 12.98
C VAL B 418 12.39 26.88 11.93
N VAL B 419 13.48 27.22 11.27
CA VAL B 419 13.40 28.11 10.12
C VAL B 419 13.07 27.27 8.89
N LEU B 420 12.23 27.80 8.02
CA LEU B 420 11.70 27.05 6.90
C LEU B 420 12.40 27.46 5.61
N ASP B 421 12.83 26.47 4.83
CA ASP B 421 13.42 26.73 3.53
C ASP B 421 12.35 27.23 2.56
N GLY B 422 12.79 27.59 1.35
CA GLY B 422 11.83 28.00 0.34
C GLY B 422 10.89 26.88 -0.04
N GLY B 423 11.41 25.65 -0.15
CA GLY B 423 10.57 24.53 -0.49
C GLY B 423 9.51 24.26 0.56
N GLN B 424 9.87 24.39 1.84
CA GLN B 424 8.89 24.20 2.89
C GLN B 424 7.85 25.31 2.89
N ILE B 425 8.23 26.53 2.56
CA ILE B 425 7.26 27.61 2.47
C ILE B 425 6.27 27.36 1.35
N VAL B 426 6.76 26.92 0.18
CA VAL B 426 5.86 26.62 -0.91
C VAL B 426 4.97 25.43 -0.56
N THR B 427 5.51 24.45 0.15
CA THR B 427 4.69 23.34 0.61
C THR B 427 3.59 23.81 1.55
N VAL B 428 3.91 24.75 2.45
CA VAL B 428 2.90 25.31 3.33
C VAL B 428 1.80 25.98 2.52
N SER B 429 2.19 26.76 1.51
CA SER B 429 1.18 27.45 0.71
C SER B 429 0.27 26.46 -0.01
N LEU B 430 0.86 25.47 -0.68
CA LEU B 430 0.05 24.53 -1.45
C LEU B 430 -0.83 23.67 -0.55
N THR B 431 -0.27 23.14 0.53
CA THR B 431 -1.07 22.31 1.43
C THR B 431 -2.05 23.13 2.24
N ALA B 432 -1.86 24.45 2.35
CA ALA B 432 -2.88 25.29 2.94
C ALA B 432 -4.02 25.55 1.97
N THR B 433 -3.72 25.65 0.68
CA THR B 433 -4.81 25.68 -0.30
C THR B 433 -5.60 24.38 -0.28
N LEU B 434 -4.91 23.24 -0.25
CA LEU B 434 -5.60 21.95 -0.20
C LEU B 434 -6.38 21.77 1.10
N ALA B 435 -5.79 22.15 2.22
CA ALA B 435 -6.45 21.94 3.51
C ALA B 435 -7.72 22.75 3.63
N SER B 436 -7.72 23.97 3.09
CA SER B 436 -8.93 24.79 3.10
C SER B 436 -10.04 24.13 2.29
N VAL B 437 -9.69 23.55 1.14
CA VAL B 437 -10.67 22.88 0.30
C VAL B 437 -11.29 21.71 1.06
N GLY B 438 -10.46 20.92 1.72
CA GLY B 438 -10.95 19.75 2.42
C GLY B 438 -11.82 20.11 3.61
N ALA B 439 -11.43 21.11 4.38
CA ALA B 439 -12.11 21.45 5.61
C ALA B 439 -13.59 21.74 5.37
N ALA B 440 -14.44 20.91 5.97
CA ALA B 440 -15.87 21.08 5.82
C ALA B 440 -16.34 22.33 6.55
N SER B 441 -17.53 22.79 6.21
CA SER B 441 -18.06 24.02 6.78
C SER B 441 -18.48 23.89 8.23
N ILE B 442 -18.23 22.77 8.90
CA ILE B 442 -18.54 22.63 10.32
C ILE B 442 -17.57 23.53 11.10
N PRO B 443 -17.96 24.05 12.26
CA PRO B 443 -17.04 24.90 13.01
C PRO B 443 -15.81 24.14 13.46
N SER B 444 -14.68 24.83 13.47
CA SER B 444 -13.41 24.29 13.99
C SER B 444 -13.02 22.99 13.29
N ALA B 445 -12.91 23.05 11.97
CA ALA B 445 -12.36 21.96 11.18
C ALA B 445 -11.00 22.30 10.59
N GLY B 446 -10.65 23.59 10.54
CA GLY B 446 -9.33 23.97 10.09
C GLY B 446 -8.23 23.39 10.95
N LEU B 447 -8.49 23.26 12.25
CA LEU B 447 -7.51 22.66 13.15
C LEU B 447 -7.27 21.21 12.81
N VAL B 448 -8.32 20.48 12.42
CA VAL B 448 -8.16 19.09 12.02
C VAL B 448 -7.39 19.01 10.71
N THR B 449 -7.76 19.84 9.73
CA THR B 449 -7.04 19.82 8.46
C THR B 449 -5.63 20.37 8.57
N MET B 450 -5.30 21.02 9.69
CA MET B 450 -3.96 21.56 9.90
C MET B 450 -2.91 20.47 9.88
N LEU B 451 -3.26 19.27 10.32
CA LEU B 451 -2.31 18.18 10.38
C LEU B 451 -1.74 17.87 9.00
N LEU B 452 -2.51 18.11 7.94
CA LEU B 452 -1.97 17.96 6.61
C LEU B 452 -0.73 18.82 6.43
N ILE B 453 -0.83 20.12 6.74
CA ILE B 453 0.31 21.00 6.59
C ILE B 453 1.43 20.62 7.55
N LEU B 454 1.08 20.32 8.80
CA LEU B 454 2.09 20.07 9.81
C LEU B 454 2.92 18.82 9.48
N THR B 455 2.28 17.78 8.95
CA THR B 455 3.03 16.60 8.54
C THR B 455 3.68 16.77 7.18
N ALA B 456 3.15 17.65 6.33
CA ALA B 456 3.81 17.94 5.07
C ALA B 456 5.15 18.61 5.30
N VAL B 457 5.21 19.53 6.25
CA VAL B 457 6.45 20.22 6.55
C VAL B 457 7.29 19.47 7.57
N GLY B 458 6.66 18.63 8.40
CA GLY B 458 7.39 17.90 9.42
C GLY B 458 7.62 18.74 10.66
N LEU B 459 6.53 19.18 11.28
CA LEU B 459 6.56 20.00 12.46
C LEU B 459 5.94 19.25 13.64
N PRO B 460 6.27 19.64 14.87
CA PRO B 460 5.63 19.00 16.02
C PRO B 460 4.14 19.25 16.06
N THR B 461 3.36 18.19 15.85
CA THR B 461 1.91 18.32 15.79
C THR B 461 1.29 18.60 17.14
N GLU B 462 2.04 18.37 18.23
CA GLU B 462 1.52 18.61 19.57
C GLU B 462 1.19 20.07 19.82
N ASP B 463 1.78 20.99 19.05
CA ASP B 463 1.58 22.41 19.28
C ASP B 463 0.23 22.91 18.79
N ILE B 464 -0.64 22.01 18.32
CA ILE B 464 -1.96 22.43 17.86
C ILE B 464 -2.80 22.93 19.02
N SER B 465 -2.61 22.37 20.21
CA SER B 465 -3.44 22.73 21.36
C SER B 465 -3.36 24.22 21.68
N LEU B 466 -2.20 24.83 21.45
CA LEU B 466 -2.08 26.26 21.70
C LEU B 466 -3.06 27.05 20.85
N LEU B 467 -3.22 26.67 19.58
CA LEU B 467 -4.20 27.32 18.72
C LEU B 467 -5.61 26.86 19.06
N VAL B 468 -5.76 25.64 19.57
CA VAL B 468 -7.07 25.19 20.04
C VAL B 468 -7.59 26.12 21.11
N ALA B 469 -6.68 26.66 21.93
CA ALA B 469 -7.09 27.52 23.03
C ALA B 469 -7.85 28.75 22.53
N VAL B 470 -7.39 29.38 21.46
CA VAL B 470 -7.99 30.62 20.98
C VAL B 470 -8.64 30.44 19.61
N ASP B 471 -8.97 29.21 19.23
CA ASP B 471 -9.55 28.96 17.91
C ASP B 471 -10.82 29.78 17.66
N TRP B 472 -11.80 29.71 18.56
CA TRP B 472 -13.17 30.09 18.21
C TRP B 472 -13.25 31.54 17.73
N LEU B 473 -12.52 32.44 18.38
CA LEU B 473 -12.56 33.85 17.99
C LEU B 473 -12.04 34.02 16.58
N LEU B 474 -10.98 33.30 16.21
CA LEU B 474 -10.50 33.35 14.83
C LEU B 474 -11.44 32.64 13.88
N ASP B 475 -12.12 31.61 14.35
CA ASP B 475 -13.03 30.83 13.51
C ASP B 475 -14.19 31.69 13.02
N ARG B 476 -14.73 32.53 13.91
CA ARG B 476 -15.81 33.41 13.49
C ARG B 476 -15.36 34.36 12.38
N MET B 477 -14.18 34.95 12.54
CA MET B 477 -13.66 35.85 11.51
C MET B 477 -13.36 35.08 10.22
N ARG B 478 -12.83 33.86 10.34
CA ARG B 478 -12.54 33.05 9.17
C ARG B 478 -13.79 32.77 8.35
N THR B 479 -14.85 32.33 9.02
CA THR B 479 -16.07 32.03 8.27
C THR B 479 -16.69 33.30 7.72
N SER B 480 -16.56 34.43 8.42
CA SER B 480 -17.01 35.68 7.84
C SER B 480 -16.27 36.00 6.55
N VAL B 481 -14.94 35.84 6.56
CA VAL B 481 -14.14 36.19 5.39
C VAL B 481 -14.48 35.26 4.23
N ASN B 482 -14.61 33.96 4.48
CA ASN B 482 -14.86 33.08 3.34
C ASN B 482 -16.31 33.14 2.86
N VAL B 483 -17.26 33.55 3.70
CA VAL B 483 -18.59 33.87 3.18
C VAL B 483 -18.53 35.09 2.28
N VAL B 484 -17.75 36.11 2.67
CA VAL B 484 -17.56 37.25 1.79
C VAL B 484 -16.92 36.82 0.48
N GLY B 485 -15.98 35.88 0.55
CA GLY B 485 -15.36 35.37 -0.66
C GLY B 485 -16.35 34.67 -1.57
N ASP B 486 -17.25 33.86 -0.98
CA ASP B 486 -18.30 33.24 -1.76
C ASP B 486 -19.17 34.28 -2.45
N SER B 487 -19.56 35.32 -1.71
CA SER B 487 -20.42 36.34 -2.28
C SER B 487 -19.76 37.07 -3.44
N PHE B 488 -18.49 37.45 -3.26
CA PHE B 488 -17.78 38.13 -4.33
C PHE B 488 -17.58 37.21 -5.53
N GLY B 489 -17.37 35.92 -5.29
CA GLY B 489 -17.28 34.99 -6.40
C GLY B 489 -18.58 34.89 -7.17
N ALA B 490 -19.71 34.86 -6.47
CA ALA B 490 -21.00 34.85 -7.15
C ALA B 490 -21.17 36.10 -8.00
N GLY B 491 -20.84 37.26 -7.43
CA GLY B 491 -20.96 38.48 -8.21
C GLY B 491 -20.08 38.49 -9.44
N ILE B 492 -18.82 38.07 -9.28
CA ILE B 492 -17.88 38.08 -10.39
C ILE B 492 -18.32 37.10 -11.48
N VAL B 493 -18.71 35.89 -11.09
CA VAL B 493 -19.11 34.89 -12.07
C VAL B 493 -20.38 35.33 -12.79
N TYR B 494 -21.30 35.99 -12.07
CA TYR B 494 -22.46 36.53 -12.75
C TYR B 494 -22.07 37.58 -13.77
N HIS B 495 -21.14 38.46 -13.41
CA HIS B 495 -20.74 39.50 -14.37
C HIS B 495 -20.07 38.90 -15.60
N LEU B 496 -19.19 37.91 -15.41
CA LEU B 496 -18.54 37.29 -16.55
C LEU B 496 -19.47 36.40 -17.35
N SER B 497 -20.68 36.14 -16.87
CA SER B 497 -21.64 35.28 -17.54
C SER B 497 -22.97 36.00 -17.77
N LYS B 498 -22.94 37.32 -17.90
CA LYS B 498 -24.16 38.05 -18.21
C LYS B 498 -24.64 37.75 -19.62
N SER B 499 -23.71 37.71 -20.59
CA SER B 499 -24.09 37.46 -21.98
C SER B 499 -24.65 36.05 -22.16
N GLU B 500 -24.02 35.05 -21.54
CA GLU B 500 -24.49 33.67 -21.68
C GLU B 500 -25.90 33.52 -21.13
N LEU B 501 -26.17 34.07 -19.95
CA LEU B 501 -27.50 33.99 -19.38
C LEU B 501 -28.50 34.80 -20.19
N ASP B 502 -28.07 35.93 -20.76
CA ASP B 502 -28.95 36.69 -21.63
C ASP B 502 -29.36 35.87 -22.86
N THR B 503 -28.40 35.17 -23.46
CA THR B 503 -28.72 34.33 -24.61
C THR B 503 -29.65 33.19 -24.21
N ILE B 504 -29.40 32.58 -23.04
CA ILE B 504 -30.26 31.50 -22.60
C ILE B 504 -31.69 31.99 -22.38
N ASP B 505 -31.85 33.14 -21.74
CA ASP B 505 -33.19 33.66 -21.47
C ASP B 505 -33.88 34.12 -22.75
N SER B 506 -33.11 34.65 -23.71
CA SER B 506 -33.72 35.09 -24.96
C SER B 506 -34.28 33.92 -25.75
N GLN B 507 -33.64 32.76 -25.68
CA GLN B 507 -34.16 31.55 -26.30
C GLN B 507 -34.90 30.69 -25.28
N LEU C 37 3.86 19.01 -46.15
CA LEU C 37 4.66 18.84 -44.95
C LEU C 37 3.80 19.05 -43.70
N CYS C 38 2.81 19.92 -43.82
CA CYS C 38 1.90 20.16 -42.70
C CYS C 38 1.15 18.90 -42.32
N ASP C 39 0.67 18.15 -43.32
CA ASP C 39 0.10 16.84 -43.04
C ASP C 39 1.17 15.84 -42.65
N LYS C 40 2.36 15.97 -43.22
CA LYS C 40 3.47 15.08 -42.87
C LYS C 40 3.81 15.21 -41.38
N LEU C 41 4.05 16.45 -40.92
CA LEU C 41 4.43 16.66 -39.54
C LEU C 41 3.23 16.50 -38.60
N GLY C 42 2.06 16.98 -39.01
CA GLY C 42 0.88 16.92 -38.18
C GLY C 42 0.22 15.56 -38.08
N LYS C 43 0.62 14.60 -38.93
CA LYS C 43 0.05 13.26 -38.87
C LYS C 43 0.45 12.57 -37.57
N ASN C 44 1.74 12.35 -37.37
CA ASN C 44 2.27 11.80 -36.13
C ASN C 44 2.89 12.95 -35.34
N LEU C 45 2.04 13.69 -34.63
CA LEU C 45 2.52 14.85 -33.90
C LEU C 45 3.49 14.44 -32.80
N LEU C 46 3.19 13.36 -32.08
CA LEU C 46 4.11 12.91 -31.04
C LEU C 46 5.45 12.51 -31.61
N LEU C 47 5.45 11.80 -32.74
CA LEU C 47 6.71 11.41 -33.36
C LEU C 47 7.49 12.63 -33.85
N THR C 48 6.80 13.61 -34.43
CA THR C 48 7.45 14.84 -34.85
C THR C 48 8.08 15.56 -33.67
N LEU C 49 7.33 15.66 -32.56
CA LEU C 49 7.85 16.33 -31.38
C LEU C 49 9.05 15.58 -30.80
N THR C 50 8.98 14.24 -30.78
CA THR C 50 10.10 13.48 -30.22
C THR C 50 11.34 13.60 -31.08
N VAL C 51 11.21 13.50 -32.40
CA VAL C 51 12.37 13.63 -33.27
C VAL C 51 12.95 15.04 -33.18
N PHE C 52 12.07 16.05 -33.18
CA PHE C 52 12.52 17.43 -33.05
C PHE C 52 13.24 17.64 -31.72
N GLY C 53 12.71 17.07 -30.64
CA GLY C 53 13.35 17.19 -29.35
C GLY C 53 14.71 16.52 -29.30
N VAL C 54 14.81 15.33 -29.90
CA VAL C 54 16.10 14.63 -29.92
C VAL C 54 17.13 15.44 -30.68
N ILE C 55 16.76 15.96 -31.86
CA ILE C 55 17.70 16.75 -32.64
C ILE C 55 18.07 18.03 -31.91
N LEU C 56 17.08 18.69 -31.30
CA LEU C 56 17.34 19.93 -30.58
C LEU C 56 18.25 19.70 -29.39
N GLY C 57 18.02 18.63 -28.64
CA GLY C 57 18.89 18.32 -27.53
C GLY C 57 20.30 18.00 -27.98
N ALA C 58 20.44 17.22 -29.05
CA ALA C 58 21.76 16.88 -29.54
C ALA C 58 22.52 18.11 -30.00
N VAL C 59 21.85 18.99 -30.76
CA VAL C 59 22.54 20.18 -31.27
C VAL C 59 22.86 21.15 -30.13
N CYS C 60 21.96 21.28 -29.15
CA CYS C 60 22.23 22.16 -28.02
C CYS C 60 23.37 21.63 -27.16
N GLY C 61 23.42 20.31 -26.95
CA GLY C 61 24.54 19.74 -26.24
C GLY C 61 25.85 19.93 -26.99
N GLY C 62 25.82 19.75 -28.30
CA GLY C 62 27.02 20.00 -29.09
C GLY C 62 27.48 21.43 -28.98
N LEU C 63 26.55 22.38 -29.05
CA LEU C 63 26.92 23.79 -28.93
C LEU C 63 27.47 24.09 -27.54
N LEU C 64 26.84 23.57 -26.50
CA LEU C 64 27.33 23.81 -25.14
C LEU C 64 28.67 23.13 -24.89
N ARG C 65 29.02 22.11 -25.68
CA ARG C 65 30.33 21.49 -25.54
C ARG C 65 31.46 22.50 -25.77
N LEU C 66 31.18 23.60 -26.48
CA LEU C 66 32.21 24.59 -26.75
C LEU C 66 32.71 25.27 -25.47
N ALA C 67 31.85 25.36 -24.44
CA ALA C 67 32.27 25.87 -23.14
C ALA C 67 32.77 24.69 -22.32
N SER C 68 34.04 24.35 -22.51
CA SER C 68 34.59 23.12 -21.94
C SER C 68 34.45 23.03 -20.43
N PRO C 69 34.80 24.04 -19.64
CA PRO C 69 34.52 23.95 -18.19
C PRO C 69 33.09 24.35 -17.93
N ILE C 70 32.31 23.42 -17.38
CA ILE C 70 30.89 23.62 -17.17
C ILE C 70 30.56 23.34 -15.71
N HIS C 71 29.65 24.13 -15.14
CA HIS C 71 29.34 23.98 -13.73
C HIS C 71 28.43 22.77 -13.52
N PRO C 72 28.71 21.93 -12.52
CA PRO C 72 27.80 20.82 -12.22
C PRO C 72 26.39 21.27 -11.89
N ASP C 73 26.22 22.41 -11.23
CA ASP C 73 24.86 22.89 -10.97
C ASP C 73 24.14 23.26 -12.27
N VAL C 74 24.86 23.85 -13.22
CA VAL C 74 24.22 24.23 -14.48
C VAL C 74 23.82 23.00 -15.28
N VAL C 75 24.68 21.99 -15.34
CA VAL C 75 24.30 20.77 -16.07
C VAL C 75 23.16 20.06 -15.34
N MET C 76 23.14 20.11 -14.01
CA MET C 76 22.00 19.57 -13.28
C MET C 76 20.71 20.28 -13.67
N LEU C 77 20.75 21.61 -13.76
CA LEU C 77 19.56 22.35 -14.17
C LEU C 77 19.16 22.00 -15.59
N ILE C 78 20.14 21.82 -16.48
CA ILE C 78 19.83 21.49 -17.87
C ILE C 78 19.15 20.14 -17.96
N ALA C 79 19.64 19.15 -17.21
CA ALA C 79 19.08 17.82 -17.26
C ALA C 79 17.88 17.64 -16.34
N PHE C 80 17.51 18.65 -15.57
CA PHE C 80 16.42 18.49 -14.60
C PHE C 80 15.09 18.09 -15.23
N PRO C 81 14.62 18.69 -16.33
CA PRO C 81 13.38 18.18 -16.93
C PRO C 81 13.48 16.73 -17.34
N GLY C 82 14.66 16.27 -17.70
CA GLY C 82 14.86 14.84 -17.89
C GLY C 82 14.64 14.05 -16.62
N ASP C 83 15.11 14.58 -15.49
CA ASP C 83 14.85 13.93 -14.22
C ASP C 83 13.37 13.88 -13.92
N ILE C 84 12.64 14.96 -14.23
CA ILE C 84 11.20 14.96 -13.98
C ILE C 84 10.51 13.90 -14.83
N LEU C 85 10.90 13.79 -16.10
CA LEU C 85 10.31 12.75 -16.93
C LEU C 85 10.64 11.37 -16.40
N MET C 86 11.88 11.16 -15.99
CA MET C 86 12.28 9.85 -15.48
C MET C 86 11.53 9.52 -14.20
N ARG C 87 11.29 10.52 -13.36
CA ARG C 87 10.58 10.29 -12.11
C ARG C 87 9.11 10.01 -12.34
N MET C 88 8.48 10.71 -13.27
CA MET C 88 7.08 10.39 -13.54
C MET C 88 6.94 9.03 -14.21
N LEU C 89 7.94 8.61 -14.99
CA LEU C 89 7.85 7.28 -15.57
C LEU C 89 8.09 6.19 -14.52
N LYS C 90 9.11 6.35 -13.68
CA LYS C 90 9.37 5.38 -12.63
C LYS C 90 8.27 5.38 -11.58
N MET C 91 7.53 6.48 -11.44
CA MET C 91 6.46 6.56 -10.47
C MET C 91 5.34 5.58 -10.80
N LEU C 92 5.18 5.24 -12.08
CA LEU C 92 4.06 4.44 -12.55
C LEU C 92 4.41 2.99 -12.80
N ILE C 93 5.63 2.55 -12.52
CA ILE C 93 5.94 1.16 -12.82
C ILE C 93 5.30 0.21 -11.82
N LEU C 94 4.99 0.67 -10.61
CA LEU C 94 4.37 -0.21 -9.63
C LEU C 94 2.89 -0.43 -9.95
N PRO C 95 2.08 0.61 -10.15
CA PRO C 95 0.71 0.36 -10.60
C PRO C 95 0.64 -0.34 -11.94
N LEU C 96 1.55 -0.07 -12.87
CA LEU C 96 1.55 -0.83 -14.11
C LEU C 96 1.85 -2.30 -13.87
N ILE C 97 2.86 -2.61 -13.05
CA ILE C 97 3.16 -4.00 -12.77
C ILE C 97 1.93 -4.69 -12.22
N ILE C 98 1.33 -4.10 -11.18
CA ILE C 98 0.21 -4.74 -10.50
C ILE C 98 -0.97 -4.91 -11.45
N SER C 99 -1.46 -3.80 -11.99
CA SER C 99 -2.67 -3.84 -12.81
C SER C 99 -2.47 -4.65 -14.08
N SER C 100 -1.33 -4.47 -14.75
CA SER C 100 -1.08 -5.19 -15.99
C SER C 100 -1.02 -6.69 -15.74
N LEU C 101 -0.26 -7.12 -14.74
CA LEU C 101 -0.16 -8.55 -14.48
C LEU C 101 -1.51 -9.14 -14.13
N ILE C 102 -2.26 -8.46 -13.26
CA ILE C 102 -3.55 -8.98 -12.84
C ILE C 102 -4.53 -9.04 -14.01
N THR C 103 -4.61 -7.96 -14.79
CA THR C 103 -5.53 -7.91 -15.91
C THR C 103 -5.19 -8.95 -16.96
N GLY C 104 -3.90 -9.08 -17.29
CA GLY C 104 -3.51 -10.05 -18.29
C GLY C 104 -3.77 -11.47 -17.86
N LEU C 105 -3.40 -11.81 -16.62
CA LEU C 105 -3.58 -13.17 -16.17
C LEU C 105 -5.03 -13.51 -15.90
N SER C 106 -5.91 -12.51 -15.78
CA SER C 106 -7.33 -12.83 -15.67
C SER C 106 -8.00 -12.93 -17.04
N GLY C 107 -7.72 -12.00 -17.95
CA GLY C 107 -8.36 -12.05 -19.25
C GLY C 107 -7.61 -12.91 -20.24
N LEU C 108 -7.48 -14.19 -19.93
CA LEU C 108 -6.80 -15.13 -20.82
C LEU C 108 -7.76 -16.00 -21.61
N ASP C 109 -8.94 -16.29 -21.08
CA ASP C 109 -9.92 -17.16 -21.73
C ASP C 109 -9.30 -18.51 -22.08
N ALA C 110 -8.63 -19.11 -21.09
CA ALA C 110 -7.90 -20.35 -21.33
C ALA C 110 -8.84 -21.47 -21.75
N LYS C 111 -9.98 -21.60 -21.06
CA LYS C 111 -10.92 -22.68 -21.38
C LYS C 111 -11.49 -22.53 -22.78
N ALA C 112 -11.82 -21.30 -23.17
CA ALA C 112 -12.35 -21.07 -24.52
C ALA C 112 -11.31 -21.36 -25.58
N SER C 113 -10.04 -21.04 -25.30
CA SER C 113 -8.98 -21.24 -26.28
C SER C 113 -8.77 -22.71 -26.57
N GLY C 114 -8.64 -23.53 -25.53
CA GLY C 114 -8.40 -24.95 -25.69
C GLY C 114 -6.93 -25.30 -25.53
N ARG C 115 -6.57 -26.45 -26.12
CA ARG C 115 -5.17 -26.84 -26.16
C ARG C 115 -4.39 -26.03 -27.16
N LEU C 116 -5.06 -25.50 -28.19
CA LEU C 116 -4.39 -24.63 -29.14
C LEU C 116 -3.85 -23.39 -28.45
N GLY C 117 -4.63 -22.80 -27.55
CA GLY C 117 -4.15 -21.65 -26.80
C GLY C 117 -2.98 -22.00 -25.90
N THR C 118 -3.02 -23.18 -25.27
CA THR C 118 -1.90 -23.58 -24.42
C THR C 118 -0.63 -23.77 -25.24
N ARG C 119 -0.74 -24.40 -26.40
CA ARG C 119 0.44 -24.56 -27.26
C ARG C 119 0.98 -23.21 -27.70
N ALA C 120 0.10 -22.28 -28.08
CA ALA C 120 0.55 -20.95 -28.46
C ALA C 120 1.26 -20.26 -27.31
N MET C 121 0.71 -20.35 -26.10
CA MET C 121 1.32 -19.68 -24.95
C MET C 121 2.67 -20.28 -24.61
N VAL C 122 2.78 -21.61 -24.67
CA VAL C 122 4.06 -22.25 -24.40
C VAL C 122 5.10 -21.82 -25.42
N TYR C 123 4.73 -21.79 -26.69
CA TYR C 123 5.67 -21.34 -27.72
C TYR C 123 6.09 -19.90 -27.47
N TYR C 124 5.14 -19.04 -27.13
CA TYR C 124 5.45 -17.63 -26.89
C TYR C 124 6.49 -17.49 -25.79
N MET C 125 6.22 -18.10 -24.63
CA MET C 125 7.16 -17.96 -23.51
C MET C 125 8.50 -18.59 -23.83
N SER C 126 8.51 -19.75 -24.49
CA SER C 126 9.77 -20.41 -24.81
C SER C 126 10.63 -19.53 -25.71
N THR C 127 10.05 -19.02 -26.79
CA THR C 127 10.86 -18.22 -27.71
C THR C 127 11.26 -16.88 -27.09
N THR C 128 10.41 -16.27 -26.27
CA THR C 128 10.80 -15.04 -25.61
C THR C 128 11.97 -15.27 -24.66
N ILE C 129 11.94 -16.36 -23.89
CA ILE C 129 13.05 -16.64 -22.98
C ILE C 129 14.32 -16.96 -23.75
N ILE C 130 14.21 -17.71 -24.85
CA ILE C 130 15.38 -17.99 -25.67
C ILE C 130 15.98 -16.70 -26.21
N ALA C 131 15.14 -15.78 -26.69
CA ALA C 131 15.65 -14.52 -27.21
C ALA C 131 16.34 -13.71 -26.11
N ALA C 132 15.74 -13.65 -24.92
CA ALA C 132 16.35 -12.89 -23.83
C ALA C 132 17.70 -13.48 -23.43
N VAL C 133 17.78 -14.81 -23.30
CA VAL C 133 19.03 -15.45 -22.93
C VAL C 133 20.08 -15.25 -24.02
N LEU C 134 19.68 -15.33 -25.29
CA LEU C 134 20.62 -15.09 -26.36
C LEU C 134 21.15 -13.66 -26.32
N GLY C 135 20.29 -12.70 -26.04
CA GLY C 135 20.75 -11.33 -25.91
C GLY C 135 21.74 -11.15 -24.77
N VAL C 136 21.45 -11.77 -23.62
CA VAL C 136 22.37 -11.69 -22.49
C VAL C 136 23.72 -12.29 -22.85
N ILE C 137 23.70 -13.45 -23.52
CA ILE C 137 24.95 -14.09 -23.93
C ILE C 137 25.73 -13.15 -24.84
N LEU C 138 25.05 -12.54 -25.81
CA LEU C 138 25.75 -11.73 -26.79
C LEU C 138 26.34 -10.46 -26.17
N VAL C 139 25.64 -9.83 -25.23
CA VAL C 139 26.24 -8.66 -24.59
C VAL C 139 27.40 -9.07 -23.69
N LEU C 140 27.23 -10.13 -22.89
CA LEU C 140 28.33 -10.53 -22.04
C LEU C 140 29.52 -11.01 -22.84
N ALA C 141 29.32 -11.38 -24.11
CA ALA C 141 30.45 -11.72 -24.97
C ALA C 141 31.08 -10.47 -25.60
N ILE C 142 30.31 -9.73 -26.38
CA ILE C 142 30.87 -8.59 -27.11
C ILE C 142 31.25 -7.46 -26.17
N HIS C 143 30.56 -7.34 -25.04
CA HIS C 143 30.71 -6.30 -24.02
C HIS C 143 30.89 -4.91 -24.62
N PRO C 144 29.87 -4.34 -25.25
CA PRO C 144 29.93 -2.92 -25.64
C PRO C 144 29.69 -2.05 -24.43
N GLY C 145 30.70 -1.26 -24.05
CA GLY C 145 30.57 -0.40 -22.90
C GLY C 145 31.72 -0.57 -21.93
N ASN C 146 32.20 -1.80 -21.79
CA ASN C 146 33.38 -2.06 -20.98
C ASN C 146 34.63 -1.33 -21.47
N PRO C 147 34.82 -1.09 -22.78
CA PRO C 147 35.95 -0.23 -23.17
C PRO C 147 35.96 1.13 -22.49
N LYS C 148 34.78 1.71 -22.28
CA LYS C 148 34.64 2.95 -21.51
C LYS C 148 35.50 4.08 -22.06
N VAL C 162 31.38 -11.10 -3.82
CA VAL C 162 30.27 -11.87 -3.27
C VAL C 162 30.24 -13.25 -3.94
N SER C 163 29.91 -14.27 -3.15
CA SER C 163 29.83 -15.62 -3.67
C SER C 163 28.69 -15.72 -4.68
N SER C 164 28.91 -16.51 -5.75
CA SER C 164 27.86 -16.73 -6.72
C SER C 164 26.69 -17.47 -6.10
N LEU C 165 26.98 -18.41 -5.21
CA LEU C 165 25.93 -19.12 -4.50
C LEU C 165 25.09 -18.15 -3.67
N ASP C 166 25.73 -17.23 -2.97
CA ASP C 166 24.99 -16.23 -2.20
C ASP C 166 24.17 -15.34 -3.12
N ALA C 167 24.70 -15.02 -4.31
CA ALA C 167 23.95 -14.20 -5.26
C ALA C 167 22.68 -14.90 -5.71
N PHE C 168 22.79 -16.19 -6.04
CA PHE C 168 21.60 -16.91 -6.49
C PHE C 168 20.61 -17.13 -5.35
N LEU C 169 21.11 -17.39 -4.14
CA LEU C 169 20.22 -17.51 -2.99
C LEU C 169 19.51 -16.19 -2.72
N ASP C 170 20.21 -15.06 -2.88
CA ASP C 170 19.56 -13.77 -2.73
C ASP C 170 18.51 -13.57 -3.80
N LEU C 171 18.78 -14.04 -5.02
CA LEU C 171 17.77 -13.96 -6.08
C LEU C 171 16.51 -14.71 -5.69
N ILE C 172 16.68 -15.94 -5.18
CA ILE C 172 15.51 -16.72 -4.79
C ILE C 172 14.81 -16.10 -3.59
N ARG C 173 15.57 -15.51 -2.67
CA ARG C 173 14.94 -14.84 -1.54
C ARG C 173 14.12 -13.63 -1.98
N ASN C 174 14.67 -12.84 -2.90
CA ASN C 174 13.93 -11.69 -3.40
C ASN C 174 12.72 -12.10 -4.21
N LEU C 175 12.78 -13.29 -4.82
CA LEU C 175 11.61 -13.80 -5.53
C LEU C 175 10.45 -14.07 -4.60
N PHE C 176 10.71 -14.29 -3.31
CA PHE C 176 9.67 -14.54 -2.30
C PHE C 176 9.88 -13.55 -1.16
N PRO C 177 9.36 -12.33 -1.30
CA PRO C 177 9.61 -11.31 -0.28
C PRO C 177 8.82 -11.58 0.99
N GLU C 178 9.42 -11.26 2.13
CA GLU C 178 8.74 -11.43 3.40
C GLU C 178 7.60 -10.44 3.58
N ASN C 179 7.62 -9.32 2.88
CA ASN C 179 6.62 -8.28 3.07
C ASN C 179 6.40 -7.58 1.74
N LEU C 180 5.13 -7.36 1.39
CA LEU C 180 4.85 -6.72 0.10
C LEU C 180 5.16 -5.24 0.12
N VAL C 181 4.79 -4.56 1.21
CA VAL C 181 5.03 -3.13 1.31
C VAL C 181 6.53 -2.85 1.32
N GLN C 182 7.31 -3.72 1.98
CA GLN C 182 8.75 -3.57 1.90
C GLN C 182 9.28 -3.93 0.53
N ALA C 183 8.69 -4.95 -0.11
CA ALA C 183 9.12 -5.33 -1.44
C ALA C 183 8.87 -4.23 -2.46
N CYS C 184 7.96 -3.31 -2.16
CA CYS C 184 7.71 -2.21 -3.09
C CYS C 184 8.90 -1.27 -3.20
N PHE C 185 9.79 -1.23 -2.22
CA PHE C 185 10.95 -0.35 -2.33
C PHE C 185 12.25 -0.91 -1.75
N GLN C 186 12.30 -2.18 -1.34
CA GLN C 186 13.51 -2.69 -0.72
C GLN C 186 13.74 -4.14 -1.13
N GLN C 187 15.00 -4.47 -1.40
CA GLN C 187 15.42 -5.83 -1.69
C GLN C 187 16.38 -6.32 -0.63
N ILE C 188 16.36 -7.61 -0.39
CA ILE C 188 17.25 -8.21 0.59
C ILE C 188 18.50 -8.68 -0.14
N GLN C 189 19.62 -8.70 0.57
CA GLN C 189 20.88 -9.11 -0.03
C GLN C 189 21.78 -9.67 1.05
N THR C 190 22.77 -10.45 0.62
CA THR C 190 23.73 -11.04 1.54
C THR C 190 24.91 -10.12 1.72
N VAL C 191 25.35 -9.97 2.97
CA VAL C 191 26.52 -9.15 3.31
C VAL C 191 27.44 -9.98 4.19
N THR C 192 28.72 -9.99 3.87
CA THR C 192 29.75 -10.69 4.64
C THR C 192 30.76 -9.67 5.13
N LYS C 193 30.82 -9.47 6.44
CA LYS C 193 31.77 -8.55 7.04
C LYS C 193 32.56 -9.28 8.12
N LYS C 194 33.83 -8.94 8.25
CA LYS C 194 34.73 -9.68 9.11
C LYS C 194 34.33 -9.57 10.58
N VAL C 195 34.64 -10.61 11.34
CA VAL C 195 34.36 -10.64 12.77
C VAL C 195 35.57 -10.16 13.56
N VAL C 229 33.65 -19.14 9.68
CA VAL C 229 34.67 -18.24 10.19
C VAL C 229 34.25 -16.80 9.96
N ILE C 230 33.60 -16.56 8.81
CA ILE C 230 33.22 -15.21 8.39
C ILE C 230 31.71 -15.05 8.55
N LYS C 231 31.30 -13.92 9.11
CA LYS C 231 29.88 -13.63 9.35
C LYS C 231 29.18 -13.30 8.05
N LYS C 232 28.00 -13.89 7.86
CA LYS C 232 27.13 -13.54 6.75
C LYS C 232 25.71 -13.35 7.25
N GLY C 233 25.10 -12.21 6.88
CA GLY C 233 23.74 -11.91 7.24
C GLY C 233 23.00 -11.28 6.08
N LEU C 234 21.74 -10.97 6.33
CA LEU C 234 20.86 -10.40 5.32
C LEU C 234 20.55 -8.95 5.69
N GLU C 235 20.85 -8.03 4.79
CA GLU C 235 20.58 -6.62 4.99
C GLU C 235 19.70 -6.12 3.87
N PHE C 236 18.80 -5.20 4.20
CA PHE C 236 17.85 -4.66 3.24
C PHE C 236 18.50 -3.50 2.48
N LYS C 237 18.78 -3.71 1.21
CA LYS C 237 19.30 -2.66 0.35
C LYS C 237 18.14 -2.00 -0.39
N ASP C 238 18.30 -0.71 -0.66
CA ASP C 238 17.20 0.04 -1.22
C ASP C 238 17.00 -0.30 -2.70
N GLY C 239 15.82 0.03 -3.21
CA GLY C 239 15.47 -0.28 -4.58
C GLY C 239 14.28 -1.20 -4.68
N MET C 240 13.47 -1.03 -5.72
CA MET C 240 12.27 -1.84 -5.87
C MET C 240 12.64 -3.31 -5.99
N ASN C 241 11.81 -4.17 -5.41
CA ASN C 241 11.94 -5.61 -5.59
C ASN C 241 10.99 -6.05 -6.69
N VAL C 242 11.38 -5.73 -7.92
CA VAL C 242 10.51 -5.97 -9.07
C VAL C 242 10.22 -7.46 -9.22
N LEU C 243 11.24 -8.30 -9.05
CA LEU C 243 11.04 -9.73 -9.24
C LEU C 243 10.04 -10.30 -8.24
N GLY C 244 10.15 -9.89 -6.98
CA GLY C 244 9.23 -10.41 -5.97
C GLY C 244 7.80 -9.95 -6.20
N LEU C 245 7.61 -8.68 -6.55
CA LEU C 245 6.28 -8.19 -6.84
C LEU C 245 5.69 -8.90 -8.05
N ILE C 246 6.49 -9.10 -9.09
CA ILE C 246 6.01 -9.81 -10.27
C ILE C 246 5.61 -11.23 -9.91
N GLY C 247 6.41 -11.90 -9.09
CA GLY C 247 6.05 -13.25 -8.69
C GLY C 247 4.74 -13.30 -7.92
N PHE C 248 4.62 -12.45 -6.90
CA PHE C 248 3.41 -12.48 -6.08
C PHE C 248 2.19 -12.12 -6.90
N PHE C 249 2.29 -11.13 -7.79
CA PHE C 249 1.10 -10.73 -8.52
C PHE C 249 0.80 -11.63 -9.71
N ILE C 250 1.78 -12.37 -10.21
CA ILE C 250 1.47 -13.45 -11.14
C ILE C 250 0.67 -14.52 -10.43
N ALA C 251 1.10 -14.90 -9.23
CA ALA C 251 0.32 -15.87 -8.46
C ALA C 251 -1.08 -15.34 -8.15
N PHE C 252 -1.16 -14.05 -7.80
CA PHE C 252 -2.44 -13.43 -7.48
C PHE C 252 -3.37 -13.44 -8.69
N GLY C 253 -2.87 -13.04 -9.85
CA GLY C 253 -3.69 -13.05 -11.05
C GLY C 253 -4.12 -14.44 -11.45
N ILE C 254 -3.23 -15.42 -11.28
CA ILE C 254 -3.58 -16.79 -11.62
C ILE C 254 -4.70 -17.28 -10.71
N ALA C 255 -4.59 -17.04 -9.41
CA ALA C 255 -5.63 -17.48 -8.49
C ALA C 255 -6.94 -16.76 -8.76
N MET C 256 -6.88 -15.46 -9.04
CA MET C 256 -8.12 -14.72 -9.28
C MET C 256 -8.78 -15.13 -10.58
N GLY C 257 -7.98 -15.49 -11.59
CA GLY C 257 -8.56 -16.10 -12.78
C GLY C 257 -9.19 -17.44 -12.48
N LYS C 258 -8.54 -18.24 -11.64
CA LYS C 258 -9.12 -19.53 -11.24
C LYS C 258 -10.41 -19.35 -10.47
N MET C 259 -10.64 -18.19 -9.87
CA MET C 259 -11.90 -17.94 -9.19
C MET C 259 -13.08 -18.05 -10.15
N GLY C 260 -12.95 -17.50 -11.35
CA GLY C 260 -13.92 -17.71 -12.40
C GLY C 260 -14.89 -16.54 -12.52
N ASP C 261 -16.19 -16.84 -12.49
CA ASP C 261 -17.20 -15.80 -12.59
C ASP C 261 -17.27 -14.96 -11.33
N GLN C 262 -16.93 -15.55 -10.18
CA GLN C 262 -16.60 -14.74 -9.02
C GLN C 262 -15.36 -13.91 -9.34
N ALA C 263 -15.06 -12.96 -8.46
CA ALA C 263 -13.95 -12.04 -8.66
C ALA C 263 -14.13 -11.18 -9.91
N LYS C 264 -15.32 -11.15 -10.49
CA LYS C 264 -15.56 -10.24 -11.60
C LYS C 264 -15.45 -8.80 -11.14
N LEU C 265 -15.90 -8.52 -9.93
CA LEU C 265 -15.79 -7.16 -9.41
C LEU C 265 -14.34 -6.73 -9.29
N MET C 266 -13.47 -7.62 -8.82
CA MET C 266 -12.08 -7.25 -8.64
C MET C 266 -11.35 -7.17 -9.97
N VAL C 267 -11.73 -8.01 -10.94
CA VAL C 267 -11.17 -7.89 -12.28
C VAL C 267 -11.57 -6.56 -12.90
N ASP C 268 -12.82 -6.15 -12.70
CA ASP C 268 -13.27 -4.85 -13.20
C ASP C 268 -12.53 -3.71 -12.51
N PHE C 269 -12.33 -3.83 -11.20
CA PHE C 269 -11.57 -2.81 -10.48
C PHE C 269 -10.17 -2.66 -11.06
N PHE C 270 -9.50 -3.77 -11.29
CA PHE C 270 -8.12 -3.68 -11.78
C PHE C 270 -8.08 -3.29 -13.26
N ASN C 271 -9.11 -3.62 -14.03
CA ASN C 271 -9.20 -3.11 -15.39
C ASN C 271 -9.30 -1.59 -15.40
N ILE C 272 -10.15 -1.04 -14.53
CA ILE C 272 -10.26 0.41 -14.43
C ILE C 272 -8.94 1.03 -13.99
N LEU C 273 -8.28 0.41 -13.01
CA LEU C 273 -7.01 0.92 -12.55
C LEU C 273 -5.97 0.91 -13.66
N ASN C 274 -5.90 -0.17 -14.43
CA ASN C 274 -4.95 -0.25 -15.53
C ASN C 274 -5.23 0.80 -16.60
N GLU C 275 -6.51 1.00 -16.93
CA GLU C 275 -6.84 2.02 -17.92
C GLU C 275 -6.45 3.41 -17.44
N ILE C 276 -6.70 3.70 -16.16
CA ILE C 276 -6.32 5.00 -15.61
C ILE C 276 -4.82 5.19 -15.70
N VAL C 277 -4.06 4.17 -15.32
CA VAL C 277 -2.60 4.32 -15.34
C VAL C 277 -2.09 4.46 -16.76
N MET C 278 -2.71 3.77 -17.72
CA MET C 278 -2.31 3.96 -19.12
C MET C 278 -2.61 5.38 -19.59
N LYS C 279 -3.74 5.95 -19.16
CA LYS C 279 -4.00 7.34 -19.50
C LYS C 279 -2.93 8.25 -18.92
N LEU C 280 -2.50 7.98 -17.69
CA LEU C 280 -1.41 8.76 -17.11
C LEU C 280 -0.12 8.59 -17.89
N VAL C 281 0.15 7.37 -18.36
CA VAL C 281 1.37 7.10 -19.12
C VAL C 281 1.35 7.89 -20.42
N ILE C 282 0.19 7.94 -21.09
CA ILE C 282 0.09 8.75 -22.30
C ILE C 282 0.30 10.23 -21.98
N MET C 283 -0.30 10.70 -20.88
CA MET C 283 -0.09 12.09 -20.45
C MET C 283 1.39 12.38 -20.29
N ILE C 284 2.13 11.45 -19.68
CA ILE C 284 3.56 11.61 -19.52
C ILE C 284 4.25 11.60 -20.89
N MET C 285 3.83 10.70 -21.77
CA MET C 285 4.47 10.57 -23.07
C MET C 285 4.33 11.85 -23.89
N TRP C 286 3.28 12.62 -23.65
CA TRP C 286 3.19 13.90 -24.36
C TRP C 286 4.22 14.91 -23.86
N TYR C 287 4.62 14.80 -22.60
CA TYR C 287 5.73 15.58 -22.07
C TYR C 287 7.08 15.00 -22.48
N SER C 288 7.11 13.79 -23.01
CA SER C 288 8.37 13.11 -23.29
C SER C 288 9.34 13.89 -24.17
N PRO C 289 8.92 14.61 -25.22
CA PRO C 289 9.91 15.32 -26.05
C PRO C 289 10.83 16.25 -25.26
N LEU C 290 10.28 17.09 -24.39
CA LEU C 290 11.11 18.01 -23.64
C LEU C 290 12.05 17.27 -22.70
N GLY C 291 11.55 16.25 -22.01
CA GLY C 291 12.38 15.50 -21.10
C GLY C 291 13.52 14.78 -21.81
N ILE C 292 13.22 14.16 -22.95
CA ILE C 292 14.25 13.47 -23.71
C ILE C 292 15.26 14.46 -24.26
N ALA C 293 14.79 15.64 -24.71
CA ALA C 293 15.71 16.65 -25.21
C ALA C 293 16.68 17.09 -24.12
N CYS C 294 16.16 17.37 -22.92
CA CYS C 294 17.03 17.77 -21.82
C CYS C 294 17.97 16.64 -21.42
N LEU C 295 17.48 15.40 -21.42
CA LEU C 295 18.34 14.27 -21.06
C LEU C 295 19.48 14.11 -22.05
N ILE C 296 19.20 14.21 -23.34
CA ILE C 296 20.26 14.07 -24.34
C ILE C 296 21.23 15.24 -24.24
N CYS C 297 20.72 16.44 -23.98
CA CYS C 297 21.62 17.58 -23.81
C CYS C 297 22.55 17.36 -22.62
N GLY C 298 22.01 16.87 -21.51
CA GLY C 298 22.85 16.63 -20.35
C GLY C 298 23.87 15.53 -20.59
N LYS C 299 23.47 14.46 -21.28
CA LYS C 299 24.40 13.38 -21.56
C LYS C 299 25.49 13.83 -22.54
N ILE C 300 25.15 14.67 -23.51
CA ILE C 300 26.16 15.16 -24.45
C ILE C 300 27.14 16.07 -23.74
N ILE C 301 26.64 16.97 -22.88
CA ILE C 301 27.54 17.91 -22.24
C ILE C 301 28.35 17.25 -21.14
N ALA C 302 27.87 16.13 -20.58
CA ALA C 302 28.57 15.53 -19.46
C ALA C 302 29.72 14.63 -19.91
N ILE C 303 29.51 13.81 -20.93
CA ILE C 303 30.48 12.79 -21.29
C ILE C 303 31.79 13.41 -21.75
N LYS C 304 32.89 12.69 -21.54
CA LYS C 304 34.22 13.23 -21.78
C LYS C 304 34.60 13.18 -23.26
N ASP C 305 34.65 11.98 -23.83
CA ASP C 305 35.05 11.79 -25.22
C ASP C 305 33.85 11.34 -26.04
N LEU C 306 33.51 12.12 -27.07
CA LEU C 306 32.39 11.75 -27.94
C LEU C 306 32.72 10.52 -28.78
N GLU C 307 33.99 10.34 -29.16
CA GLU C 307 34.35 9.20 -29.98
C GLU C 307 34.12 7.90 -29.22
N VAL C 308 34.43 7.87 -27.93
CA VAL C 308 34.24 6.66 -27.14
C VAL C 308 32.77 6.28 -27.09
N VAL C 309 31.90 7.26 -26.84
CA VAL C 309 30.47 6.96 -26.76
C VAL C 309 29.92 6.59 -28.12
N ALA C 310 30.41 7.21 -29.19
CA ALA C 310 29.98 6.83 -30.53
C ALA C 310 30.35 5.38 -30.84
N ARG C 311 31.57 4.98 -30.48
CA ARG C 311 31.99 3.60 -30.67
C ARG C 311 31.13 2.65 -29.85
N GLN C 312 30.83 3.03 -28.60
CA GLN C 312 30.02 2.17 -27.75
C GLN C 312 28.61 2.01 -28.32
N LEU C 313 28.02 3.11 -28.81
CA LEU C 313 26.69 3.02 -29.40
C LEU C 313 26.70 2.17 -30.66
N GLY C 314 27.72 2.35 -31.50
CA GLY C 314 27.81 1.53 -32.70
C GLY C 314 27.93 0.06 -32.38
N MET C 315 28.76 -0.29 -31.40
CA MET C 315 28.92 -1.69 -31.04
C MET C 315 27.67 -2.25 -30.38
N TYR C 316 26.94 -1.42 -29.63
CA TYR C 316 25.67 -1.85 -29.07
C TYR C 316 24.66 -2.16 -30.17
N MET C 317 24.58 -1.29 -31.17
CA MET C 317 23.69 -1.55 -32.29
C MET C 317 24.11 -2.81 -33.04
N VAL C 318 25.42 -3.02 -33.19
CA VAL C 318 25.89 -4.25 -33.82
C VAL C 318 25.49 -5.46 -33.00
N THR C 319 25.57 -5.36 -31.68
CA THR C 319 25.15 -6.47 -30.83
C THR C 319 23.67 -6.78 -31.00
N VAL C 320 22.82 -5.74 -31.02
CA VAL C 320 21.39 -5.97 -31.22
C VAL C 320 21.13 -6.60 -32.58
N ILE C 321 21.80 -6.10 -33.62
CA ILE C 321 21.58 -6.62 -34.96
C ILE C 321 22.02 -8.07 -35.07
N ILE C 322 23.18 -8.41 -34.49
CA ILE C 322 23.63 -9.79 -34.51
C ILE C 322 22.69 -10.68 -33.73
N GLY C 323 22.19 -10.20 -32.59
CA GLY C 323 21.23 -10.97 -31.84
C GLY C 323 19.96 -11.25 -32.63
N LEU C 324 19.43 -10.22 -33.29
CA LEU C 324 18.23 -10.41 -34.09
C LEU C 324 18.48 -11.35 -35.25
N ILE C 325 19.62 -11.20 -35.93
CA ILE C 325 19.92 -12.08 -37.06
C ILE C 325 20.01 -13.52 -36.59
N ILE C 326 20.81 -13.77 -35.56
CA ILE C 326 20.98 -15.13 -35.06
C ILE C 326 19.64 -15.70 -34.65
N HIS C 327 18.89 -14.98 -33.81
CA HIS C 327 17.63 -15.49 -33.32
C HIS C 327 16.68 -15.77 -34.47
N GLY C 328 16.24 -14.73 -35.18
CA GLY C 328 15.23 -14.87 -36.18
C GLY C 328 15.65 -15.48 -37.49
N GLY C 329 16.91 -15.89 -37.63
CA GLY C 329 17.30 -16.59 -38.84
C GLY C 329 17.93 -17.93 -38.58
N ILE C 330 18.14 -18.28 -37.31
CA ILE C 330 18.68 -19.59 -36.98
C ILE C 330 17.78 -20.27 -35.96
N PHE C 331 17.55 -19.62 -34.82
CA PHE C 331 16.87 -20.31 -33.72
C PHE C 331 15.42 -20.61 -34.09
N LEU C 332 14.69 -19.61 -34.56
CA LEU C 332 13.32 -19.86 -34.99
C LEU C 332 13.23 -20.84 -36.16
N PRO C 333 14.00 -20.69 -37.24
CA PRO C 333 13.95 -21.74 -38.28
C PRO C 333 14.34 -23.10 -37.76
N LEU C 334 15.33 -23.18 -36.88
CA LEU C 334 15.72 -24.47 -36.32
C LEU C 334 14.58 -25.07 -35.49
N ILE C 335 13.90 -24.24 -34.70
CA ILE C 335 12.78 -24.73 -33.91
C ILE C 335 11.69 -25.26 -34.84
N TYR C 336 11.35 -24.50 -35.87
CA TYR C 336 10.29 -24.91 -36.78
C TYR C 336 10.66 -26.15 -37.56
N PHE C 337 11.94 -26.35 -37.85
CA PHE C 337 12.34 -27.59 -38.52
C PHE C 337 12.31 -28.76 -37.57
N VAL C 338 12.72 -28.56 -36.32
CA VAL C 338 12.72 -29.64 -35.34
C VAL C 338 11.30 -30.13 -35.06
N VAL C 339 10.37 -29.20 -34.86
CA VAL C 339 9.04 -29.63 -34.44
C VAL C 339 8.11 -29.98 -35.60
N THR C 340 8.44 -29.56 -36.84
CA THR C 340 7.56 -29.83 -37.97
C THR C 340 8.19 -30.67 -39.06
N ARG C 341 9.50 -30.87 -39.06
CA ARG C 341 10.19 -31.63 -40.10
C ARG C 341 9.93 -31.05 -41.48
N LYS C 342 9.82 -29.74 -41.58
CA LYS C 342 9.54 -29.06 -42.84
C LYS C 342 10.55 -27.95 -43.05
N ASN C 343 10.76 -27.59 -44.30
CA ASN C 343 11.76 -26.57 -44.62
C ASN C 343 11.30 -25.21 -44.10
N PRO C 344 12.04 -24.58 -43.19
CA PRO C 344 11.65 -23.24 -42.75
C PRO C 344 11.91 -22.17 -43.79
N PHE C 345 12.78 -22.43 -44.77
CA PHE C 345 13.00 -21.44 -45.82
C PHE C 345 11.86 -21.42 -46.84
N SER C 346 11.14 -22.53 -46.99
CA SER C 346 9.88 -22.48 -47.70
C SER C 346 8.82 -21.73 -46.91
N PHE C 347 8.95 -21.69 -45.58
CA PHE C 347 8.07 -20.89 -44.75
C PHE C 347 8.42 -19.40 -44.83
N PHE C 348 9.70 -19.08 -45.00
CA PHE C 348 10.11 -17.68 -45.04
C PHE C 348 9.49 -16.95 -46.22
N ALA C 349 9.49 -17.58 -47.39
CA ALA C 349 8.94 -16.93 -48.58
C ALA C 349 7.48 -16.58 -48.40
N GLY C 350 6.72 -17.40 -47.68
CA GLY C 350 5.33 -17.11 -47.43
C GLY C 350 5.12 -15.86 -46.60
N ILE C 351 6.04 -15.57 -45.68
CA ILE C 351 5.91 -14.43 -44.78
C ILE C 351 6.83 -13.29 -45.17
N PHE C 352 7.38 -13.30 -46.37
CA PHE C 352 8.30 -12.25 -46.78
C PHE C 352 7.59 -10.90 -46.83
N GLN C 353 6.37 -10.87 -47.34
CA GLN C 353 5.63 -9.61 -47.42
C GLN C 353 5.33 -9.06 -46.03
N ALA C 354 4.96 -9.93 -45.09
CA ALA C 354 4.76 -9.50 -43.72
C ALA C 354 6.06 -8.98 -43.11
N TRP C 355 7.17 -9.65 -43.39
CA TRP C 355 8.45 -9.20 -42.87
C TRP C 355 8.82 -7.82 -43.40
N ILE C 356 8.63 -7.60 -44.70
CA ILE C 356 8.94 -6.29 -45.26
C ILE C 356 8.02 -5.23 -44.69
N THR C 357 6.73 -5.55 -44.56
CA THR C 357 5.79 -4.58 -43.99
C THR C 357 6.19 -4.21 -42.58
N ALA C 358 6.61 -5.20 -41.78
CA ALA C 358 7.09 -4.91 -40.43
C ALA C 358 8.33 -4.03 -40.47
N LEU C 359 9.27 -4.34 -41.37
CA LEU C 359 10.45 -3.50 -41.52
C LEU C 359 10.11 -2.09 -41.96
N GLY C 360 8.95 -1.89 -42.57
CA GLY C 360 8.54 -0.56 -42.97
C GLY C 360 7.64 0.10 -41.95
N THR C 361 6.58 -0.62 -41.55
CA THR C 361 5.59 -0.04 -40.64
C THR C 361 6.16 0.19 -39.25
N ALA C 362 7.14 -0.61 -38.84
CA ALA C 362 7.73 -0.53 -37.50
C ALA C 362 6.68 -0.75 -36.42
N SER C 363 5.64 -1.51 -36.73
CA SER C 363 4.57 -1.78 -35.79
C SER C 363 4.04 -3.18 -36.05
N SER C 364 4.11 -4.04 -35.04
CA SER C 364 3.65 -5.41 -35.20
C SER C 364 2.15 -5.47 -35.40
N ALA C 365 1.40 -4.59 -34.73
CA ALA C 365 -0.05 -4.59 -34.88
C ALA C 365 -0.46 -4.16 -36.28
N GLY C 366 0.23 -3.18 -36.85
CA GLY C 366 -0.14 -2.70 -38.17
C GLY C 366 0.04 -3.75 -39.26
N THR C 367 1.08 -4.56 -39.15
CA THR C 367 1.36 -5.61 -40.12
C THR C 367 0.41 -6.79 -39.99
N LEU C 368 -0.44 -6.79 -38.97
CA LEU C 368 -1.26 -7.96 -38.65
C LEU C 368 -2.15 -8.42 -39.80
N PRO C 369 -2.91 -7.55 -40.49
CA PRO C 369 -3.67 -8.04 -41.65
C PRO C 369 -2.78 -8.61 -42.74
N VAL C 370 -1.60 -8.03 -42.93
CA VAL C 370 -0.67 -8.53 -43.94
C VAL C 370 -0.23 -9.94 -43.58
N THR C 371 0.08 -10.19 -42.31
CA THR C 371 0.52 -11.54 -41.96
C THR C 371 -0.63 -12.53 -42.01
N PHE C 372 -1.87 -12.11 -41.67
CA PHE C 372 -3.00 -12.99 -41.93
C PHE C 372 -3.07 -13.39 -43.39
N ARG C 373 -3.06 -12.41 -44.30
CA ARG C 373 -3.23 -12.78 -45.70
C ARG C 373 -2.07 -13.65 -46.17
N CYS C 374 -0.85 -13.31 -45.76
CA CYS C 374 0.32 -14.06 -46.20
C CYS C 374 0.26 -15.51 -45.74
N LEU C 375 0.06 -15.72 -44.43
CA LEU C 375 -0.05 -17.09 -43.94
C LEU C 375 -1.19 -17.82 -44.62
N GLU C 376 -2.38 -17.23 -44.60
CA GLU C 376 -3.58 -17.96 -45.02
C GLU C 376 -3.53 -18.35 -46.49
N GLU C 377 -3.00 -17.48 -47.36
CA GLU C 377 -3.00 -17.83 -48.77
C GLU C 377 -1.69 -18.46 -49.24
N ASN C 378 -0.53 -17.95 -48.82
CA ASN C 378 0.73 -18.54 -49.29
C ASN C 378 1.02 -19.87 -48.60
N LEU C 379 0.83 -19.94 -47.27
CA LEU C 379 1.28 -21.10 -46.52
C LEU C 379 0.17 -22.06 -46.14
N GLY C 380 -1.09 -21.73 -46.46
CA GLY C 380 -2.16 -22.67 -46.27
C GLY C 380 -2.45 -23.03 -44.82
N ILE C 381 -2.04 -22.19 -43.87
CA ILE C 381 -2.36 -22.43 -42.48
C ILE C 381 -3.86 -22.26 -42.27
N ASP C 382 -4.44 -23.11 -41.42
CA ASP C 382 -5.88 -23.06 -41.20
C ASP C 382 -6.28 -21.75 -40.53
N LYS C 383 -7.51 -21.31 -40.82
CA LYS C 383 -7.95 -20.01 -40.34
C LYS C 383 -8.12 -19.98 -38.83
N ARG C 384 -8.50 -21.10 -38.21
CA ARG C 384 -8.67 -21.12 -36.76
C ARG C 384 -7.37 -20.83 -36.04
N VAL C 385 -6.32 -21.58 -36.38
CA VAL C 385 -5.06 -21.45 -35.65
C VAL C 385 -4.42 -20.09 -35.91
N THR C 386 -4.47 -19.60 -37.15
CA THR C 386 -3.89 -18.27 -37.39
C THR C 386 -4.71 -17.18 -36.73
N ARG C 387 -6.05 -17.28 -36.79
CA ARG C 387 -6.89 -16.25 -36.19
C ARG C 387 -6.74 -16.22 -34.68
N PHE C 388 -6.32 -17.33 -34.07
CA PHE C 388 -6.00 -17.24 -32.64
C PHE C 388 -4.59 -16.73 -32.41
N VAL C 389 -3.61 -17.35 -33.07
CA VAL C 389 -2.21 -17.11 -32.74
C VAL C 389 -1.79 -15.69 -33.06
N LEU C 390 -2.11 -15.20 -34.26
CA LEU C 390 -1.56 -13.93 -34.70
C LEU C 390 -2.00 -12.75 -33.83
N PRO C 391 -3.29 -12.55 -33.53
CA PRO C 391 -3.65 -11.37 -32.72
C PRO C 391 -3.05 -11.40 -31.32
N VAL C 392 -2.97 -12.56 -30.69
CA VAL C 392 -2.39 -12.66 -29.36
C VAL C 392 -0.89 -12.45 -29.42
N GLY C 393 -0.23 -13.10 -30.38
CA GLY C 393 1.20 -12.99 -30.52
C GLY C 393 1.68 -11.63 -30.99
N ALA C 394 0.79 -10.82 -31.55
CA ALA C 394 1.18 -9.48 -31.98
C ALA C 394 1.56 -8.60 -30.79
N THR C 395 1.10 -8.94 -29.59
CA THR C 395 1.44 -8.19 -28.39
C THR C 395 2.21 -9.03 -27.38
N ILE C 396 1.76 -10.27 -27.12
CA ILE C 396 2.43 -11.08 -26.11
C ILE C 396 3.79 -11.57 -26.62
N ASN C 397 3.86 -12.00 -27.86
CA ASN C 397 5.05 -12.66 -28.40
C ASN C 397 5.90 -11.60 -29.10
N MET C 398 6.97 -11.16 -28.45
CA MET C 398 7.93 -10.23 -29.04
C MET C 398 9.34 -10.75 -28.75
N ASP C 399 9.89 -11.55 -29.67
CA ASP C 399 11.25 -12.03 -29.51
C ASP C 399 12.25 -10.89 -29.62
N GLY C 400 12.11 -10.08 -30.67
CA GLY C 400 13.08 -9.03 -30.92
C GLY C 400 13.14 -8.00 -29.80
N THR C 401 11.98 -7.62 -29.28
CA THR C 401 11.97 -6.65 -28.19
C THR C 401 12.60 -7.24 -26.93
N ALA C 402 12.38 -8.53 -26.68
CA ALA C 402 13.01 -9.16 -25.52
C ALA C 402 14.53 -9.16 -25.65
N LEU C 403 15.03 -9.58 -26.81
CA LEU C 403 16.47 -9.58 -27.03
C LEU C 403 17.04 -8.17 -26.92
N TYR C 404 16.35 -7.21 -27.52
CA TYR C 404 16.75 -5.82 -27.45
C TYR C 404 16.82 -5.32 -26.03
N GLU C 405 15.82 -5.65 -25.22
CA GLU C 405 15.76 -5.12 -23.87
C GLU C 405 16.85 -5.73 -22.99
N ALA C 406 17.08 -7.04 -23.13
CA ALA C 406 18.18 -7.64 -22.37
C ALA C 406 19.51 -7.04 -22.79
N VAL C 407 19.73 -6.95 -24.10
CA VAL C 407 20.99 -6.39 -24.62
C VAL C 407 21.20 -4.98 -24.11
N ALA C 408 20.17 -4.15 -24.20
CA ALA C 408 20.32 -2.75 -23.84
C ALA C 408 20.40 -2.53 -22.34
N ALA C 409 19.75 -3.37 -21.53
CA ALA C 409 19.92 -3.26 -20.10
C ALA C 409 21.34 -3.60 -19.68
N ILE C 410 21.90 -4.69 -20.24
CA ILE C 410 23.29 -4.99 -19.91
C ILE C 410 24.22 -3.93 -20.48
N PHE C 411 23.86 -3.32 -21.61
CA PHE C 411 24.69 -2.26 -22.17
C PHE C 411 24.69 -1.02 -21.29
N ILE C 412 23.53 -0.65 -20.75
CA ILE C 412 23.46 0.46 -19.80
C ILE C 412 24.28 0.14 -18.56
N ALA C 413 24.22 -1.11 -18.10
CA ALA C 413 25.05 -1.50 -16.98
C ALA C 413 26.53 -1.40 -17.32
N GLN C 414 26.90 -1.74 -18.55
CA GLN C 414 28.30 -1.78 -18.93
C GLN C 414 28.91 -0.41 -19.18
N MET C 415 28.12 0.58 -19.62
CA MET C 415 28.73 1.90 -19.75
C MET C 415 29.04 2.51 -18.40
N ASN C 416 28.30 2.13 -17.36
CA ASN C 416 28.51 2.68 -16.04
C ASN C 416 29.61 1.98 -15.27
N GLY C 417 30.19 0.92 -15.83
CA GLY C 417 31.17 0.15 -15.12
C GLY C 417 30.61 -0.82 -14.11
N VAL C 418 29.29 -0.89 -13.96
CA VAL C 418 28.67 -1.80 -13.01
C VAL C 418 28.76 -3.21 -13.58
N VAL C 419 29.51 -4.07 -12.90
CA VAL C 419 29.51 -5.49 -13.24
C VAL C 419 28.33 -6.14 -12.54
N LEU C 420 27.67 -7.07 -13.24
CA LEU C 420 26.42 -7.66 -12.76
C LEU C 420 26.68 -9.05 -12.22
N ASP C 421 26.14 -9.33 -11.03
CA ASP C 421 26.21 -10.66 -10.45
C ASP C 421 25.34 -11.62 -11.24
N GLY C 422 25.40 -12.89 -10.87
CA GLY C 422 24.54 -13.87 -11.50
C GLY C 422 23.07 -13.59 -11.26
N GLY C 423 22.73 -13.18 -10.04
CA GLY C 423 21.35 -12.87 -9.73
C GLY C 423 20.82 -11.70 -10.55
N GLN C 424 21.65 -10.68 -10.74
CA GLN C 424 21.23 -9.56 -11.57
C GLN C 424 21.08 -9.94 -13.03
N ILE C 425 21.92 -10.85 -13.53
CA ILE C 425 21.78 -11.32 -14.90
C ILE C 425 20.47 -12.08 -15.07
N VAL C 426 20.15 -12.96 -14.11
CA VAL C 426 18.89 -13.69 -14.21
C VAL C 426 17.71 -12.73 -14.09
N THR C 427 17.84 -11.71 -13.25
CA THR C 427 16.79 -10.70 -13.15
C THR C 427 16.60 -9.97 -14.48
N VAL C 428 17.71 -9.64 -15.15
CA VAL C 428 17.62 -9.02 -16.47
C VAL C 428 16.88 -9.92 -17.43
N SER C 429 17.21 -11.21 -17.44
CA SER C 429 16.55 -12.13 -18.36
C SER C 429 15.05 -12.20 -18.10
N LEU C 430 14.67 -12.40 -16.83
CA LEU C 430 13.25 -12.56 -16.50
C LEU C 430 12.47 -11.27 -16.76
N THR C 431 13.00 -10.14 -16.32
CA THR C 431 12.30 -8.89 -16.53
C THR C 431 12.34 -8.44 -17.98
N ALA C 432 13.26 -8.97 -18.78
CA ALA C 432 13.21 -8.72 -20.21
C ALA C 432 12.15 -9.56 -20.89
N THR C 433 11.92 -10.78 -20.40
CA THR C 433 10.77 -11.54 -20.88
C THR C 433 9.47 -10.84 -20.51
N LEU C 434 9.36 -10.35 -19.28
CA LEU C 434 8.13 -9.65 -18.88
C LEU C 434 7.96 -8.34 -19.63
N ALA C 435 9.04 -7.58 -19.80
CA ALA C 435 8.94 -6.28 -20.45
C ALA C 435 8.50 -6.41 -21.89
N SER C 436 8.97 -7.44 -22.59
CA SER C 436 8.54 -7.67 -23.97
C SER C 436 7.05 -7.97 -24.02
N VAL C 437 6.55 -8.76 -23.07
CA VAL C 437 5.12 -9.08 -23.05
C VAL C 437 4.31 -7.80 -22.86
N GLY C 438 4.73 -6.95 -21.93
CA GLY C 438 3.98 -5.74 -21.65
C GLY C 438 4.00 -4.76 -22.82
N ALA C 439 5.15 -4.59 -23.46
CA ALA C 439 5.31 -3.58 -24.49
C ALA C 439 4.29 -3.76 -25.60
N ALA C 440 3.44 -2.76 -25.78
CA ALA C 440 2.42 -2.81 -26.81
C ALA C 440 3.06 -2.69 -28.19
N SER C 441 2.31 -3.07 -29.21
CA SER C 441 2.84 -3.09 -30.57
C SER C 441 3.00 -1.70 -31.16
N ILE C 442 2.81 -0.62 -30.41
CA ILE C 442 3.07 0.73 -30.92
C ILE C 442 4.57 0.89 -31.09
N PRO C 443 5.02 1.71 -32.04
CA PRO C 443 6.47 1.89 -32.22
C PRO C 443 7.11 2.51 -30.99
N SER C 444 8.35 2.07 -30.71
CA SER C 444 9.17 2.63 -29.64
C SER C 444 8.46 2.57 -28.28
N ALA C 445 8.06 1.37 -27.89
CA ALA C 445 7.55 1.12 -26.55
C ALA C 445 8.52 0.29 -25.71
N GLY C 446 9.47 -0.38 -26.35
CA GLY C 446 10.49 -1.11 -25.60
C GLY C 446 11.29 -0.20 -24.70
N LEU C 447 11.53 1.04 -25.15
CA LEU C 447 12.26 1.99 -24.33
C LEU C 447 11.50 2.33 -23.06
N VAL C 448 10.18 2.44 -23.17
CA VAL C 448 9.36 2.72 -22.00
C VAL C 448 9.37 1.52 -21.06
N THR C 449 9.20 0.31 -21.61
CA THR C 449 9.22 -0.88 -20.76
C THR C 449 10.61 -1.19 -20.22
N MET C 450 11.64 -0.54 -20.76
CA MET C 450 13.00 -0.75 -20.29
C MET C 450 13.17 -0.38 -18.83
N LEU C 451 12.40 0.61 -18.36
CA LEU C 451 12.51 1.05 -16.99
C LEU C 451 12.23 -0.08 -16.02
N LEU C 452 11.40 -1.04 -16.40
CA LEU C 452 11.20 -2.22 -15.57
C LEU C 452 12.51 -2.90 -15.28
N ILE C 453 13.29 -3.21 -16.32
CA ILE C 453 14.57 -3.87 -16.13
C ILE C 453 15.54 -2.98 -15.39
N LEU C 454 15.59 -1.70 -15.76
CA LEU C 454 16.58 -0.80 -15.19
C LEU C 454 16.37 -0.62 -13.69
N THR C 455 15.11 -0.53 -13.25
CA THR C 455 14.85 -0.43 -11.81
C THR C 455 14.91 -1.78 -11.12
N ALA C 456 14.67 -2.88 -11.84
CA ALA C 456 14.83 -4.20 -11.25
C ALA C 456 16.28 -4.44 -10.88
N VAL C 457 17.21 -4.04 -11.75
CA VAL C 457 18.63 -4.23 -11.47
C VAL C 457 19.20 -3.07 -10.67
N GLY C 458 18.59 -1.89 -10.75
CA GLY C 458 19.12 -0.74 -10.04
C GLY C 458 20.22 -0.05 -10.80
N LEU C 459 19.91 0.40 -12.00
CA LEU C 459 20.85 1.07 -12.88
C LEU C 459 20.43 2.52 -13.11
N PRO C 460 21.36 3.39 -13.50
CA PRO C 460 20.98 4.76 -13.80
C PRO C 460 20.03 4.85 -14.98
N THR C 461 18.78 5.24 -14.71
CA THR C 461 17.78 5.28 -15.76
C THR C 461 17.99 6.42 -16.74
N GLU C 462 18.83 7.39 -16.38
CA GLU C 462 19.10 8.52 -17.27
C GLU C 462 19.78 8.10 -18.57
N ASP C 463 20.42 6.94 -18.59
CA ASP C 463 21.16 6.50 -19.77
C ASP C 463 20.26 6.00 -20.88
N ILE C 464 18.94 6.09 -20.71
CA ILE C 464 18.02 5.64 -21.76
C ILE C 464 18.13 6.53 -22.99
N SER C 465 18.41 7.81 -22.80
CA SER C 465 18.44 8.75 -23.92
C SER C 465 19.46 8.33 -24.98
N LEU C 466 20.57 7.72 -24.56
CA LEU C 466 21.56 7.27 -25.54
C LEU C 466 20.94 6.27 -26.51
N LEU C 467 20.14 5.34 -26.00
CA LEU C 467 19.44 4.40 -26.86
C LEU C 467 18.29 5.06 -27.59
N VAL C 468 17.68 6.08 -26.99
CA VAL C 468 16.65 6.85 -27.68
C VAL C 468 17.21 7.42 -28.97
N ALA C 469 18.49 7.79 -28.96
CA ALA C 469 19.09 8.41 -30.14
C ALA C 469 19.03 7.50 -31.36
N VAL C 470 19.30 6.20 -31.18
CA VAL C 470 19.38 5.27 -32.30
C VAL C 470 18.27 4.22 -32.24
N ASP C 471 17.19 4.50 -31.51
CA ASP C 471 16.12 3.51 -31.36
C ASP C 471 15.55 3.05 -32.70
N TRP C 472 15.13 3.99 -33.56
CA TRP C 472 14.21 3.64 -34.64
C TRP C 472 14.77 2.56 -35.56
N LEU C 473 16.07 2.65 -35.87
CA LEU C 473 16.67 1.66 -36.75
C LEU C 473 16.61 0.28 -36.14
N LEU C 474 16.84 0.17 -34.83
CA LEU C 474 16.70 -1.12 -34.16
C LEU C 474 15.24 -1.52 -34.04
N ASP C 475 14.34 -0.55 -33.92
CA ASP C 475 12.92 -0.85 -33.76
C ASP C 475 12.37 -1.55 -34.99
N ARG C 476 12.78 -1.09 -36.17
CA ARG C 476 12.31 -1.75 -37.39
C ARG C 476 12.75 -3.21 -37.43
N MET C 477 14.02 -3.48 -37.10
CA MET C 477 14.49 -4.85 -37.07
C MET C 477 13.80 -5.67 -35.99
N ARG C 478 13.54 -5.05 -34.84
CA ARG C 478 12.85 -5.74 -33.75
C ARG C 478 11.47 -6.20 -34.18
N THR C 479 10.69 -5.29 -34.76
CA THR C 479 9.35 -5.68 -35.17
C THR C 479 9.38 -6.68 -36.31
N SER C 480 10.38 -6.60 -37.19
CA SER C 480 10.53 -7.64 -38.20
C SER C 480 10.76 -9.00 -37.55
N VAL C 481 11.65 -9.07 -36.57
CA VAL C 481 11.97 -10.34 -35.94
C VAL C 481 10.76 -10.90 -35.20
N ASN C 482 10.04 -10.06 -34.47
CA ASN C 482 8.92 -10.63 -33.72
C ASN C 482 7.71 -10.93 -34.59
N VAL C 483 7.56 -10.27 -35.74
CA VAL C 483 6.57 -10.72 -36.71
C VAL C 483 6.95 -12.09 -37.27
N VAL C 484 8.23 -12.30 -37.56
CA VAL C 484 8.67 -13.63 -37.97
C VAL C 484 8.41 -14.65 -36.88
N GLY C 485 8.59 -14.26 -35.63
CA GLY C 485 8.30 -15.16 -34.52
C GLY C 485 6.83 -15.53 -34.46
N ASP C 486 5.95 -14.54 -34.66
CA ASP C 486 4.51 -14.81 -34.72
C ASP C 486 4.20 -15.81 -35.83
N SER C 487 4.78 -15.60 -37.00
CA SER C 487 4.50 -16.47 -38.13
C SER C 487 4.95 -17.91 -37.86
N PHE C 488 6.17 -18.06 -37.33
CA PHE C 488 6.65 -19.40 -37.02
C PHE C 488 5.82 -20.05 -35.93
N GLY C 489 5.36 -19.27 -34.96
CA GLY C 489 4.46 -19.83 -33.95
C GLY C 489 3.16 -20.33 -34.55
N ALA C 490 2.58 -19.56 -35.47
CA ALA C 490 1.38 -20.01 -36.14
C ALA C 490 1.62 -21.31 -36.89
N GLY C 491 2.73 -21.39 -37.61
CA GLY C 491 3.03 -22.62 -38.33
C GLY C 491 3.20 -23.81 -37.40
N ILE C 492 3.95 -23.61 -36.31
CA ILE C 492 4.22 -24.70 -35.37
C ILE C 492 2.94 -25.16 -34.70
N VAL C 493 2.11 -24.21 -34.24
CA VAL C 493 0.89 -24.58 -33.54
C VAL C 493 -0.08 -25.27 -34.49
N TYR C 494 -0.11 -24.85 -35.76
CA TYR C 494 -0.92 -25.56 -36.73
C TYR C 494 -0.44 -26.98 -36.92
N HIS C 495 0.88 -27.18 -36.99
CA HIS C 495 1.38 -28.54 -37.17
C HIS C 495 1.07 -29.42 -35.97
N LEU C 496 1.24 -28.89 -34.76
CA LEU C 496 0.93 -29.68 -33.57
C LEU C 496 -0.56 -29.89 -33.36
N SER C 497 -1.41 -29.20 -34.13
CA SER C 497 -2.85 -29.30 -34.00
C SER C 497 -3.52 -29.68 -35.31
N LYS C 498 -2.80 -30.41 -36.16
CA LYS C 498 -3.42 -30.88 -37.40
C LYS C 498 -4.48 -31.94 -37.13
N SER C 499 -4.19 -32.86 -36.21
CA SER C 499 -5.14 -33.93 -35.90
C SER C 499 -6.41 -33.38 -35.26
N GLU C 500 -6.26 -32.44 -34.32
CA GLU C 500 -7.44 -31.89 -33.65
C GLU C 500 -8.35 -31.17 -34.64
N LEU C 501 -7.78 -30.36 -35.52
CA LEU C 501 -8.59 -29.67 -36.52
C LEU C 501 -9.18 -30.64 -37.52
N ASP C 502 -8.45 -31.72 -37.86
CA ASP C 502 -9.00 -32.75 -38.73
C ASP C 502 -10.24 -33.39 -38.10
N THR C 503 -10.15 -33.72 -36.81
CA THR C 503 -11.31 -34.30 -36.12
C THR C 503 -12.47 -33.32 -36.07
N ILE C 504 -12.19 -32.04 -35.81
CA ILE C 504 -13.25 -31.05 -35.76
C ILE C 504 -13.94 -30.93 -37.11
N ASP C 505 -13.16 -30.88 -38.19
CA ASP C 505 -13.75 -30.73 -39.53
C ASP C 505 -14.50 -31.99 -39.94
N SER C 506 -14.01 -33.17 -39.54
CA SER C 506 -14.68 -34.41 -39.90
C SER C 506 -16.06 -34.50 -39.25
N GLN C 507 -16.21 -33.98 -38.03
CA GLN C 507 -17.50 -33.92 -37.37
C GLN C 507 -18.14 -32.53 -37.57
#